data_1U84
# 
_entry.id   1U84 
# 
_audit_conform.dict_name       mmcif_pdbx.dic 
_audit_conform.dict_version    5.386 
_audit_conform.dict_location   http://mmcif.pdb.org/dictionaries/ascii/mmcif_pdbx.dic 
# 
loop_
_database_2.database_id 
_database_2.database_code 
_database_2.pdbx_database_accession 
_database_2.pdbx_DOI 
PDB   1U84         pdb_00001u84 10.2210/pdb1u84/pdb 
RCSB  RCSB023364   ?            ?                   
WWPDB D_1000023364 ?            ?                   
# 
loop_
_pdbx_audit_revision_history.ordinal 
_pdbx_audit_revision_history.data_content_type 
_pdbx_audit_revision_history.major_revision 
_pdbx_audit_revision_history.minor_revision 
_pdbx_audit_revision_history.revision_date 
1 'Structure model' 1 0 2004-10-05 
2 'Structure model' 1 1 2008-04-30 
3 'Structure model' 1 2 2011-07-13 
4 'Structure model' 1 3 2012-09-26 
5 'Structure model' 1 4 2024-02-14 
# 
_pdbx_audit_revision_details.ordinal             1 
_pdbx_audit_revision_details.revision_ordinal    1 
_pdbx_audit_revision_details.data_content_type   'Structure model' 
_pdbx_audit_revision_details.provider            repository 
_pdbx_audit_revision_details.type                'Initial release' 
_pdbx_audit_revision_details.description         ? 
_pdbx_audit_revision_details.details             ? 
# 
loop_
_pdbx_audit_revision_group.ordinal 
_pdbx_audit_revision_group.revision_ordinal 
_pdbx_audit_revision_group.data_content_type 
_pdbx_audit_revision_group.group 
1 2 'Structure model' 'Version format compliance' 
2 3 'Structure model' 'Non-polymer description'   
3 3 'Structure model' 'Version format compliance' 
4 4 'Structure model' 'Database references'       
5 5 'Structure model' 'Data collection'           
6 5 'Structure model' 'Database references'       
7 5 'Structure model' 'Derived calculations'      
# 
loop_
_pdbx_audit_revision_category.ordinal 
_pdbx_audit_revision_category.revision_ordinal 
_pdbx_audit_revision_category.data_content_type 
_pdbx_audit_revision_category.category 
1 5 'Structure model' chem_comp_atom 
2 5 'Structure model' chem_comp_bond 
3 5 'Structure model' database_2     
4 5 'Structure model' struct_site    
# 
loop_
_pdbx_audit_revision_item.ordinal 
_pdbx_audit_revision_item.revision_ordinal 
_pdbx_audit_revision_item.data_content_type 
_pdbx_audit_revision_item.item 
1 5 'Structure model' '_database_2.pdbx_DOI'                
2 5 'Structure model' '_database_2.pdbx_database_accession' 
3 5 'Structure model' '_struct_site.pdbx_auth_asym_id'      
4 5 'Structure model' '_struct_site.pdbx_auth_comp_id'      
5 5 'Structure model' '_struct_site.pdbx_auth_seq_id'       
# 
_pdbx_database_status.status_code                     REL 
_pdbx_database_status.entry_id                        1U84 
_pdbx_database_status.recvd_initial_deposition_date   2004-08-04 
_pdbx_database_status.deposit_site                    RCSB 
_pdbx_database_status.process_site                    RCSB 
_pdbx_database_status.SG_entry                        Y 
_pdbx_database_status.status_code_sf                  REL 
_pdbx_database_status.status_code_mr                  ? 
_pdbx_database_status.status_code_cs                  ? 
_pdbx_database_status.methods_development_category    ? 
_pdbx_database_status.pdb_format_compatible           Y 
_pdbx_database_status.status_code_nmr_data            ? 
# 
_pdbx_database_related.db_name        TargetDB 
_pdbx_database_related.db_id          APC36109 
_pdbx_database_related.details        . 
_pdbx_database_related.content_type   unspecified 
# 
loop_
_audit_author.name 
_audit_author.pdbx_ordinal 
'Kim, Y.'                                       1 
'Zhou, M.'                                      2 
'Collart, F.'                                   3 
'Joachimiak, A.'                                4 
'Midwest Center for Structural Genomics (MCSG)' 5 
# 
_citation.id                        primary 
_citation.title                     'Crystal Structure of APC36109 from Bacillus stearothermophilus' 
_citation.journal_abbrev            'To be Published' 
_citation.journal_volume            ? 
_citation.page_first                ? 
_citation.page_last                 ? 
_citation.year                      ? 
_citation.journal_id_ASTM           ? 
_citation.country                   ? 
_citation.journal_id_ISSN           ? 
_citation.journal_id_CSD            0353 
_citation.book_publisher            ? 
_citation.pdbx_database_id_PubMed   ? 
_citation.pdbx_database_id_DOI      ? 
# 
loop_
_citation_author.citation_id 
_citation_author.name 
_citation_author.ordinal 
_citation_author.identifier_ORCID 
primary 'Kim, Y.'                                       1 ? 
primary 'Zhou, M.'                                      2 ? 
primary 'Collart, F.'                                   3 ? 
primary 'Joachimiak, A.'                                4 ? 
primary 'Midwest Center for Structural Genomics (MCSG)' 5 ? 
# 
loop_
_entity.id 
_entity.type 
_entity.src_method 
_entity.pdbx_description 
_entity.formula_weight 
_entity.pdbx_number_of_molecules 
_entity.pdbx_ec 
_entity.pdbx_mutation 
_entity.pdbx_fragment 
_entity.details 
1 polymer     man 'Hypothetical protein' 10087.458 1   ? ? ? ? 
2 non-polymer syn 1,2-ETHANEDIOL         62.068    1   ? ? ? ? 
3 non-polymer syn GLYCEROL               92.094    1   ? ? ? ? 
4 water       nat water                  18.015    128 ? ? ? ? 
# 
_entity_poly.entity_id                      1 
_entity_poly.type                           'polypeptide(L)' 
_entity_poly.nstd_linkage                   no 
_entity_poly.nstd_monomer                   no 
_entity_poly.pdbx_seq_one_letter_code       
;SNAMDGQQLNRLLLEWIGAWDPFGLGKDAYDVEAASVLQAVYETEDARTLAARIQSIYEFAFDEPIPFPHCLKLARRLLE
LKQAASCPLP
;
_entity_poly.pdbx_seq_one_letter_code_can   
;SNAMDGQQLNRLLLEWIGAWDPFGLGKDAYDVEAASVLQAVYETEDARTLAARIQSIYEFAFDEPIPFPHCLKLARRLLE
LKQAASCPLP
;
_entity_poly.pdbx_strand_id                 A 
_entity_poly.pdbx_target_identifier         APC36109 
# 
loop_
_pdbx_entity_nonpoly.entity_id 
_pdbx_entity_nonpoly.name 
_pdbx_entity_nonpoly.comp_id 
2 1,2-ETHANEDIOL EDO 
3 GLYCEROL       GOL 
4 water          HOH 
# 
loop_
_entity_poly_seq.entity_id 
_entity_poly_seq.num 
_entity_poly_seq.mon_id 
_entity_poly_seq.hetero 
1 1  SER n 
1 2  ASN n 
1 3  ALA n 
1 4  MET n 
1 5  ASP n 
1 6  GLY n 
1 7  GLN n 
1 8  GLN n 
1 9  LEU n 
1 10 ASN n 
1 11 ARG n 
1 12 LEU n 
1 13 LEU n 
1 14 LEU n 
1 15 GLU n 
1 16 TRP n 
1 17 ILE n 
1 18 GLY n 
1 19 ALA n 
1 20 TRP n 
1 21 ASP n 
1 22 PRO n 
1 23 PHE n 
1 24 GLY n 
1 25 LEU n 
1 26 GLY n 
1 27 LYS n 
1 28 ASP n 
1 29 ALA n 
1 30 TYR n 
1 31 ASP n 
1 32 VAL n 
1 33 GLU n 
1 34 ALA n 
1 35 ALA n 
1 36 SER n 
1 37 VAL n 
1 38 LEU n 
1 39 GLN n 
1 40 ALA n 
1 41 VAL n 
1 42 TYR n 
1 43 GLU n 
1 44 THR n 
1 45 GLU n 
1 46 ASP n 
1 47 ALA n 
1 48 ARG n 
1 49 THR n 
1 50 LEU n 
1 51 ALA n 
1 52 ALA n 
1 53 ARG n 
1 54 ILE n 
1 55 GLN n 
1 56 SER n 
1 57 ILE n 
1 58 TYR n 
1 59 GLU n 
1 60 PHE n 
1 61 ALA n 
1 62 PHE n 
1 63 ASP n 
1 64 GLU n 
1 65 PRO n 
1 66 ILE n 
1 67 PRO n 
1 68 PHE n 
1 69 PRO n 
1 70 HIS n 
1 71 CYS n 
1 72 LEU n 
1 73 LYS n 
1 74 LEU n 
1 75 ALA n 
1 76 ARG n 
1 77 ARG n 
1 78 LEU n 
1 79 LEU n 
1 80 GLU n 
1 81 LEU n 
1 82 LYS n 
1 83 GLN n 
1 84 ALA n 
1 85 ALA n 
1 86 SER n 
1 87 CYS n 
1 88 PRO n 
1 89 LEU n 
1 90 PRO n 
# 
_entity_src_gen.entity_id                          1 
_entity_src_gen.pdbx_src_id                        1 
_entity_src_gen.pdbx_alt_source_flag               sample 
_entity_src_gen.pdbx_seq_type                      ? 
_entity_src_gen.pdbx_beg_seq_num                   ? 
_entity_src_gen.pdbx_end_seq_num                   ? 
_entity_src_gen.gene_src_common_name               ? 
_entity_src_gen.gene_src_genus                     Geobacillus 
_entity_src_gen.pdbx_gene_src_gene                 ? 
_entity_src_gen.gene_src_species                   ? 
_entity_src_gen.gene_src_strain                    ? 
_entity_src_gen.gene_src_tissue                    ? 
_entity_src_gen.gene_src_tissue_fraction           ? 
_entity_src_gen.gene_src_details                   ? 
_entity_src_gen.pdbx_gene_src_fragment             ? 
_entity_src_gen.pdbx_gene_src_scientific_name      'Geobacillus stearothermophilus' 
_entity_src_gen.pdbx_gene_src_ncbi_taxonomy_id     1422 
_entity_src_gen.pdbx_gene_src_variant              ? 
_entity_src_gen.pdbx_gene_src_cell_line            ? 
_entity_src_gen.pdbx_gene_src_atcc                 ? 
_entity_src_gen.pdbx_gene_src_organ                ? 
_entity_src_gen.pdbx_gene_src_organelle            ? 
_entity_src_gen.pdbx_gene_src_cell                 ? 
_entity_src_gen.pdbx_gene_src_cellular_location    ? 
_entity_src_gen.host_org_common_name               ? 
_entity_src_gen.pdbx_host_org_scientific_name      'Escherichia coli BL21(DE3)' 
_entity_src_gen.pdbx_host_org_ncbi_taxonomy_id     469008 
_entity_src_gen.host_org_genus                     Escherichia 
_entity_src_gen.pdbx_host_org_gene                 ? 
_entity_src_gen.pdbx_host_org_organ                ? 
_entity_src_gen.host_org_species                   'Escherichia coli' 
_entity_src_gen.pdbx_host_org_tissue               ? 
_entity_src_gen.pdbx_host_org_tissue_fraction      ? 
_entity_src_gen.pdbx_host_org_strain               BL21DE3 
_entity_src_gen.pdbx_host_org_variant              ? 
_entity_src_gen.pdbx_host_org_cell_line            ? 
_entity_src_gen.pdbx_host_org_atcc                 ? 
_entity_src_gen.pdbx_host_org_culture_collection   ? 
_entity_src_gen.pdbx_host_org_cell                 ? 
_entity_src_gen.pdbx_host_org_organelle            ? 
_entity_src_gen.pdbx_host_org_cellular_location    ? 
_entity_src_gen.pdbx_host_org_vector_type          plasmid 
_entity_src_gen.pdbx_host_org_vector               ? 
_entity_src_gen.host_org_details                   ? 
_entity_src_gen.expression_system_id               ? 
_entity_src_gen.plasmid_name                       pMCSG7 
_entity_src_gen.plasmid_details                    'T7 promoter' 
_entity_src_gen.pdbx_description                   ? 
# 
loop_
_chem_comp.id 
_chem_comp.type 
_chem_comp.mon_nstd_flag 
_chem_comp.name 
_chem_comp.pdbx_synonyms 
_chem_comp.formula 
_chem_comp.formula_weight 
ALA 'L-peptide linking' y ALANINE         ?                               'C3 H7 N O2'     89.093  
ARG 'L-peptide linking' y ARGININE        ?                               'C6 H15 N4 O2 1' 175.209 
ASN 'L-peptide linking' y ASPARAGINE      ?                               'C4 H8 N2 O3'    132.118 
ASP 'L-peptide linking' y 'ASPARTIC ACID' ?                               'C4 H7 N O4'     133.103 
CYS 'L-peptide linking' y CYSTEINE        ?                               'C3 H7 N O2 S'   121.158 
EDO non-polymer         . 1,2-ETHANEDIOL  'ETHYLENE GLYCOL'               'C2 H6 O2'       62.068  
GLN 'L-peptide linking' y GLUTAMINE       ?                               'C5 H10 N2 O3'   146.144 
GLU 'L-peptide linking' y 'GLUTAMIC ACID' ?                               'C5 H9 N O4'     147.129 
GLY 'peptide linking'   y GLYCINE         ?                               'C2 H5 N O2'     75.067  
GOL non-polymer         . GLYCEROL        'GLYCERIN; PROPANE-1,2,3-TRIOL' 'C3 H8 O3'       92.094  
HIS 'L-peptide linking' y HISTIDINE       ?                               'C6 H10 N3 O2 1' 156.162 
HOH non-polymer         . WATER           ?                               'H2 O'           18.015  
ILE 'L-peptide linking' y ISOLEUCINE      ?                               'C6 H13 N O2'    131.173 
LEU 'L-peptide linking' y LEUCINE         ?                               'C6 H13 N O2'    131.173 
LYS 'L-peptide linking' y LYSINE          ?                               'C6 H15 N2 O2 1' 147.195 
MET 'L-peptide linking' y METHIONINE      ?                               'C5 H11 N O2 S'  149.211 
PHE 'L-peptide linking' y PHENYLALANINE   ?                               'C9 H11 N O2'    165.189 
PRO 'L-peptide linking' y PROLINE         ?                               'C5 H9 N O2'     115.130 
SER 'L-peptide linking' y SERINE          ?                               'C3 H7 N O3'     105.093 
THR 'L-peptide linking' y THREONINE       ?                               'C4 H9 N O3'     119.119 
TRP 'L-peptide linking' y TRYPTOPHAN      ?                               'C11 H12 N2 O2'  204.225 
TYR 'L-peptide linking' y TYROSINE        ?                               'C9 H11 N O3'    181.189 
VAL 'L-peptide linking' y VALINE          ?                               'C5 H11 N O2'    117.146 
# 
loop_
_pdbx_poly_seq_scheme.asym_id 
_pdbx_poly_seq_scheme.entity_id 
_pdbx_poly_seq_scheme.seq_id 
_pdbx_poly_seq_scheme.mon_id 
_pdbx_poly_seq_scheme.ndb_seq_num 
_pdbx_poly_seq_scheme.pdb_seq_num 
_pdbx_poly_seq_scheme.auth_seq_num 
_pdbx_poly_seq_scheme.pdb_mon_id 
_pdbx_poly_seq_scheme.auth_mon_id 
_pdbx_poly_seq_scheme.pdb_strand_id 
_pdbx_poly_seq_scheme.pdb_ins_code 
_pdbx_poly_seq_scheme.hetero 
A 1 1  SER 1  -2 ?  ?   ?   A . n 
A 1 2  ASN 2  -1 ?  ?   ?   A . n 
A 1 3  ALA 3  0  ?  ?   ?   A . n 
A 1 4  MET 4  1  ?  ?   ?   A . n 
A 1 5  ASP 5  2  ?  ?   ?   A . n 
A 1 6  GLY 6  3  3  GLY GLY A . n 
A 1 7  GLN 7  4  4  GLN GLN A . n 
A 1 8  GLN 8  5  5  GLN GLN A . n 
A 1 9  LEU 9  6  6  LEU LEU A . n 
A 1 10 ASN 10 7  7  ASN ASN A . n 
A 1 11 ARG 11 8  8  ARG ARG A . n 
A 1 12 LEU 12 9  9  LEU LEU A . n 
A 1 13 LEU 13 10 10 LEU LEU A . n 
A 1 14 LEU 14 11 11 LEU LEU A . n 
A 1 15 GLU 15 12 12 GLU GLU A . n 
A 1 16 TRP 16 13 13 TRP TRP A . n 
A 1 17 ILE 17 14 14 ILE ILE A . n 
A 1 18 GLY 18 15 15 GLY GLY A . n 
A 1 19 ALA 19 16 16 ALA ALA A . n 
A 1 20 TRP 20 17 17 TRP TRP A . n 
A 1 21 ASP 21 18 18 ASP ASP A . n 
A 1 22 PRO 22 19 19 PRO PRO A . n 
A 1 23 PHE 23 20 20 PHE PHE A . n 
A 1 24 GLY 24 21 21 GLY GLY A . n 
A 1 25 LEU 25 22 22 LEU LEU A . n 
A 1 26 GLY 26 23 23 GLY GLY A . n 
A 1 27 LYS 27 24 24 LYS LYS A . n 
A 1 28 ASP 28 25 25 ASP ASP A . n 
A 1 29 ALA 29 26 26 ALA ALA A . n 
A 1 30 TYR 30 27 27 TYR TYR A . n 
A 1 31 ASP 31 28 28 ASP ASP A . n 
A 1 32 VAL 32 29 29 VAL VAL A . n 
A 1 33 GLU 33 30 30 GLU GLU A . n 
A 1 34 ALA 34 31 31 ALA ALA A . n 
A 1 35 ALA 35 32 32 ALA ALA A . n 
A 1 36 SER 36 33 33 SER SER A . n 
A 1 37 VAL 37 34 34 VAL VAL A . n 
A 1 38 LEU 38 35 35 LEU LEU A . n 
A 1 39 GLN 39 36 36 GLN GLN A . n 
A 1 40 ALA 40 37 37 ALA ALA A . n 
A 1 41 VAL 41 38 38 VAL VAL A . n 
A 1 42 TYR 42 39 39 TYR TYR A . n 
A 1 43 GLU 43 40 40 GLU GLU A . n 
A 1 44 THR 44 41 41 THR THR A . n 
A 1 45 GLU 45 42 42 GLU GLU A . n 
A 1 46 ASP 46 43 43 ASP ASP A . n 
A 1 47 ALA 47 44 44 ALA ALA A . n 
A 1 48 ARG 48 45 45 ARG ARG A . n 
A 1 49 THR 49 46 46 THR THR A . n 
A 1 50 LEU 50 47 47 LEU LEU A . n 
A 1 51 ALA 51 48 48 ALA ALA A . n 
A 1 52 ALA 52 49 49 ALA ALA A . n 
A 1 53 ARG 53 50 50 ARG ARG A . n 
A 1 54 ILE 54 51 51 ILE ILE A . n 
A 1 55 GLN 55 52 52 GLN GLN A . n 
A 1 56 SER 56 53 53 SER SER A . n 
A 1 57 ILE 57 54 54 ILE ILE A . n 
A 1 58 TYR 58 55 55 TYR TYR A . n 
A 1 59 GLU 59 56 56 GLU GLU A . n 
A 1 60 PHE 60 57 57 PHE PHE A . n 
A 1 61 ALA 61 58 58 ALA ALA A . n 
A 1 62 PHE 62 59 59 PHE PHE A . n 
A 1 63 ASP 63 60 60 ASP ASP A . n 
A 1 64 GLU 64 61 61 GLU GLU A . n 
A 1 65 PRO 65 62 62 PRO PRO A . n 
A 1 66 ILE 66 63 63 ILE ILE A . n 
A 1 67 PRO 67 64 64 PRO PRO A . n 
A 1 68 PHE 68 65 65 PHE PHE A . n 
A 1 69 PRO 69 66 66 PRO PRO A . n 
A 1 70 HIS 70 67 67 HIS HIS A . n 
A 1 71 CYS 71 68 68 CYS CYS A . n 
A 1 72 LEU 72 69 69 LEU LEU A . n 
A 1 73 LYS 73 70 70 LYS LYS A . n 
A 1 74 LEU 74 71 71 LEU LEU A . n 
A 1 75 ALA 75 72 72 ALA ALA A . n 
A 1 76 ARG 76 73 73 ARG ARG A . n 
A 1 77 ARG 77 74 74 ARG ARG A . n 
A 1 78 LEU 78 75 75 LEU LEU A . n 
A 1 79 LEU 79 76 76 LEU LEU A . n 
A 1 80 GLU 80 77 77 GLU GLU A . n 
A 1 81 LEU 81 78 78 LEU LEU A . n 
A 1 82 LYS 82 79 79 LYS LYS A . n 
A 1 83 GLN 83 80 80 GLN GLN A . n 
A 1 84 ALA 84 81 81 ALA ALA A . n 
A 1 85 ALA 85 82 82 ALA ALA A . n 
A 1 86 SER 86 83 83 SER SER A . n 
A 1 87 CYS 87 84 ?  ?   ?   A . n 
A 1 88 PRO 88 85 ?  ?   ?   A . n 
A 1 89 LEU 89 86 ?  ?   ?   A . n 
A 1 90 PRO 90 87 ?  ?   ?   A . n 
# 
loop_
_pdbx_nonpoly_scheme.asym_id 
_pdbx_nonpoly_scheme.entity_id 
_pdbx_nonpoly_scheme.mon_id 
_pdbx_nonpoly_scheme.ndb_seq_num 
_pdbx_nonpoly_scheme.pdb_seq_num 
_pdbx_nonpoly_scheme.auth_seq_num 
_pdbx_nonpoly_scheme.pdb_mon_id 
_pdbx_nonpoly_scheme.auth_mon_id 
_pdbx_nonpoly_scheme.pdb_strand_id 
_pdbx_nonpoly_scheme.pdb_ins_code 
B 2 EDO 1   102 102 EDO EDO A . 
C 3 GOL 1   101 101 GOL GOL A . 
D 4 HOH 1   201 201 HOH HOH A . 
D 4 HOH 2   202 202 HOH HOH A . 
D 4 HOH 3   203 203 HOH HOH A . 
D 4 HOH 4   204 204 HOH HOH A . 
D 4 HOH 5   205 205 HOH HOH A . 
D 4 HOH 6   206 206 HOH HOH A . 
D 4 HOH 7   207 207 HOH HOH A . 
D 4 HOH 8   208 208 HOH HOH A . 
D 4 HOH 9   209 209 HOH HOH A . 
D 4 HOH 10  210 210 HOH HOH A . 
D 4 HOH 11  211 211 HOH HOH A . 
D 4 HOH 12  212 212 HOH HOH A . 
D 4 HOH 13  213 213 HOH HOH A . 
D 4 HOH 14  214 214 HOH HOH A . 
D 4 HOH 15  215 215 HOH HOH A . 
D 4 HOH 16  216 216 HOH HOH A . 
D 4 HOH 17  217 217 HOH HOH A . 
D 4 HOH 18  218 218 HOH HOH A . 
D 4 HOH 19  219 219 HOH HOH A . 
D 4 HOH 20  220 220 HOH HOH A . 
D 4 HOH 21  221 221 HOH HOH A . 
D 4 HOH 22  222 222 HOH HOH A . 
D 4 HOH 23  223 223 HOH HOH A . 
D 4 HOH 24  224 224 HOH HOH A . 
D 4 HOH 25  225 225 HOH HOH A . 
D 4 HOH 26  226 226 HOH HOH A . 
D 4 HOH 27  227 227 HOH HOH A . 
D 4 HOH 28  228 228 HOH HOH A . 
D 4 HOH 29  229 229 HOH HOH A . 
D 4 HOH 30  230 230 HOH HOH A . 
D 4 HOH 31  231 231 HOH HOH A . 
D 4 HOH 32  232 232 HOH HOH A . 
D 4 HOH 33  233 233 HOH HOH A . 
D 4 HOH 34  234 234 HOH HOH A . 
D 4 HOH 35  235 235 HOH HOH A . 
D 4 HOH 36  236 236 HOH HOH A . 
D 4 HOH 37  237 237 HOH HOH A . 
D 4 HOH 38  238 238 HOH HOH A . 
D 4 HOH 39  239 239 HOH HOH A . 
D 4 HOH 40  240 240 HOH HOH A . 
D 4 HOH 41  241 241 HOH HOH A . 
D 4 HOH 42  242 242 HOH HOH A . 
D 4 HOH 43  243 243 HOH HOH A . 
D 4 HOH 44  244 244 HOH HOH A . 
D 4 HOH 45  245 245 HOH HOH A . 
D 4 HOH 46  246 246 HOH HOH A . 
D 4 HOH 47  247 247 HOH HOH A . 
D 4 HOH 48  248 248 HOH HOH A . 
D 4 HOH 49  249 249 HOH HOH A . 
D 4 HOH 50  250 250 HOH HOH A . 
D 4 HOH 51  251 251 HOH HOH A . 
D 4 HOH 52  252 252 HOH HOH A . 
D 4 HOH 53  253 253 HOH HOH A . 
D 4 HOH 54  254 254 HOH HOH A . 
D 4 HOH 55  255 255 HOH HOH A . 
D 4 HOH 56  256 256 HOH HOH A . 
D 4 HOH 57  257 257 HOH HOH A . 
D 4 HOH 58  258 258 HOH HOH A . 
D 4 HOH 59  259 259 HOH HOH A . 
D 4 HOH 60  260 260 HOH HOH A . 
D 4 HOH 61  261 261 HOH HOH A . 
D 4 HOH 62  262 262 HOH HOH A . 
D 4 HOH 63  263 263 HOH HOH A . 
D 4 HOH 64  264 264 HOH HOH A . 
D 4 HOH 65  265 265 HOH HOH A . 
D 4 HOH 66  266 266 HOH HOH A . 
D 4 HOH 67  267 267 HOH HOH A . 
D 4 HOH 68  268 268 HOH HOH A . 
D 4 HOH 69  269 269 HOH HOH A . 
D 4 HOH 70  270 270 HOH HOH A . 
D 4 HOH 71  271 271 HOH HOH A . 
D 4 HOH 72  272 272 HOH HOH A . 
D 4 HOH 73  273 273 HOH HOH A . 
D 4 HOH 74  274 274 HOH HOH A . 
D 4 HOH 75  275 275 HOH HOH A . 
D 4 HOH 76  276 276 HOH HOH A . 
D 4 HOH 77  277 277 HOH HOH A . 
D 4 HOH 78  278 278 HOH HOH A . 
D 4 HOH 79  279 279 HOH HOH A . 
D 4 HOH 80  280 280 HOH HOH A . 
D 4 HOH 81  281 281 HOH HOH A . 
D 4 HOH 82  282 282 HOH HOH A . 
D 4 HOH 83  283 283 HOH HOH A . 
D 4 HOH 84  284 284 HOH HOH A . 
D 4 HOH 85  285 285 HOH HOH A . 
D 4 HOH 86  286 286 HOH HOH A . 
D 4 HOH 87  287 287 HOH HOH A . 
D 4 HOH 88  288 288 HOH HOH A . 
D 4 HOH 89  289 289 HOH HOH A . 
D 4 HOH 90  290 290 HOH HOH A . 
D 4 HOH 91  291 291 HOH HOH A . 
D 4 HOH 92  292 292 HOH HOH A . 
D 4 HOH 93  293 293 HOH HOH A . 
D 4 HOH 94  294 294 HOH HOH A . 
D 4 HOH 95  295 295 HOH HOH A . 
D 4 HOH 96  296 296 HOH HOH A . 
D 4 HOH 97  297 297 HOH HOH A . 
D 4 HOH 98  298 298 HOH HOH A . 
D 4 HOH 99  299 299 HOH HOH A . 
D 4 HOH 100 300 300 HOH HOH A . 
D 4 HOH 101 301 301 HOH HOH A . 
D 4 HOH 102 302 302 HOH HOH A . 
D 4 HOH 103 303 303 HOH HOH A . 
D 4 HOH 104 304 304 HOH HOH A . 
D 4 HOH 105 305 305 HOH HOH A . 
D 4 HOH 106 306 306 HOH HOH A . 
D 4 HOH 107 307 307 HOH HOH A . 
D 4 HOH 108 308 308 HOH HOH A . 
D 4 HOH 109 309 309 HOH HOH A . 
D 4 HOH 110 310 310 HOH HOH A . 
D 4 HOH 111 311 311 HOH HOH A . 
D 4 HOH 112 312 312 HOH HOH A . 
D 4 HOH 113 313 313 HOH HOH A . 
D 4 HOH 114 314 314 HOH HOH A . 
D 4 HOH 115 315 315 HOH HOH A . 
D 4 HOH 116 316 316 HOH HOH A . 
D 4 HOH 117 317 317 HOH HOH A . 
D 4 HOH 118 318 318 HOH HOH A . 
D 4 HOH 119 319 319 HOH HOH A . 
D 4 HOH 120 320 320 HOH HOH A . 
D 4 HOH 121 321 321 HOH HOH A . 
D 4 HOH 122 322 322 HOH HOH A . 
D 4 HOH 123 323 323 HOH HOH A . 
D 4 HOH 124 324 324 HOH HOH A . 
D 4 HOH 125 325 325 HOH HOH A . 
D 4 HOH 126 326 326 HOH HOH A . 
D 4 HOH 127 327 327 HOH HOH A . 
D 4 HOH 128 328 328 HOH HOH A . 
# 
loop_
_software.name 
_software.classification 
_software.version 
_software.citation_id 
_software.pdbx_ordinal 
REFMAC      refinement        5.2.0000 ? 1 
SBC-Collect 'data collection' .        ? 2 
HKL-2000    'data reduction'  .        ? 3 
HKL-2000    'data scaling'    .        ? 4 
HKL-3000    phasing           .        ? 5 
# 
_cell.entry_id           1U84 
_cell.length_a           44.781 
_cell.length_b           64.540 
_cell.length_c           29.092 
_cell.angle_alpha        90.00 
_cell.angle_beta         90.00 
_cell.angle_gamma        90.00 
_cell.Z_PDB              4 
_cell.pdbx_unique_axis   ? 
_cell.length_a_esd       ? 
_cell.length_b_esd       ? 
_cell.length_c_esd       ? 
_cell.angle_alpha_esd    ? 
_cell.angle_beta_esd     ? 
_cell.angle_gamma_esd    ? 
# 
_symmetry.entry_id                         1U84 
_symmetry.space_group_name_H-M             'P 21 21 2' 
_symmetry.pdbx_full_space_group_name_H-M   ? 
_symmetry.cell_setting                     ? 
_symmetry.Int_Tables_number                18 
_symmetry.space_group_name_Hall            ? 
# 
_exptl.entry_id          1U84 
_exptl.method            'X-RAY DIFFRACTION' 
_exptl.crystals_number   2 
# 
_exptl_crystal.id                    1 
_exptl_crystal.density_meas          ? 
_exptl_crystal.density_Matthews      2.1 
_exptl_crystal.density_percent_sol   42.2 
_exptl_crystal.description           ? 
_exptl_crystal.F_000                 ? 
_exptl_crystal.preparation           ? 
# 
_exptl_crystal_grow.crystal_id      1 
_exptl_crystal_grow.method          'VAPOR DIFFUSION, SITTING DROP' 
_exptl_crystal_grow.temp            295 
_exptl_crystal_grow.temp_details    ? 
_exptl_crystal_grow.pH              6.0 
_exptl_crystal_grow.pdbx_details    'Calcium Acetate, MES, isopropanol, pH 6.0, VAPOR DIFFUSION, SITTING DROP, temperature 295K' 
_exptl_crystal_grow.pdbx_pH_range   . 
# 
loop_
_diffrn.id 
_diffrn.ambient_temp 
_diffrn.ambient_temp_details 
_diffrn.crystal_id 
1 100 ? 1 
2 100 ? 1 
# 
loop_
_diffrn_detector.diffrn_id 
_diffrn_detector.detector 
_diffrn_detector.type 
_diffrn_detector.pdbx_collection_date 
_diffrn_detector.details 
1 CCD SBC-2 2003-12-12 mirror 
2 CCD SBC-2 2004-07-14 mirror 
# 
loop_
_diffrn_radiation.diffrn_id 
_diffrn_radiation.wavelength_id 
_diffrn_radiation.pdbx_monochromatic_or_laue_m_l 
_diffrn_radiation.monochromator 
_diffrn_radiation.pdbx_diffrn_protocol 
_diffrn_radiation.pdbx_scattering_type 
1 1 M 'double crystal' 'SINGLE WAVELENGTH' x-ray 
2 1 M 'double crystal' 'SINGLE WAVELENGTH' x-ray 
# 
loop_
_diffrn_radiation_wavelength.id 
_diffrn_radiation_wavelength.wavelength 
_diffrn_radiation_wavelength.wt 
1 0.9793  1.0 
2 1.03320 1.0 
# 
loop_
_diffrn_source.diffrn_id 
_diffrn_source.source 
_diffrn_source.type 
_diffrn_source.pdbx_synchrotron_site 
_diffrn_source.pdbx_synchrotron_beamline 
_diffrn_source.pdbx_wavelength 
_diffrn_source.pdbx_wavelength_list 
1 SYNCHROTRON 'APS BEAMLINE 19-ID' APS 19-ID ? 0.9793  
2 SYNCHROTRON 'APS BEAMLINE 19-ID' APS 19-ID ? 1.03320 
# 
_reflns.entry_id                     1U84 
_reflns.observed_criterion_sigma_F   0.0 
_reflns.observed_criterion_sigma_I   0.0 
_reflns.d_resolution_high            1.6 
_reflns.d_resolution_low             40 
_reflns.number_all                   11072 
_reflns.number_obs                   10761 
_reflns.percent_possible_obs         92.2 
_reflns.pdbx_Rmerge_I_obs            0.042 
_reflns.pdbx_Rsym_value              ? 
_reflns.pdbx_netI_over_sigmaI        16.3 
_reflns.B_iso_Wilson_estimate        ? 
_reflns.pdbx_redundancy              8.5 
_reflns.R_free_details               ? 
_reflns.limit_h_max                  ? 
_reflns.limit_h_min                  ? 
_reflns.limit_k_max                  ? 
_reflns.limit_k_min                  ? 
_reflns.limit_l_max                  ? 
_reflns.limit_l_min                  ? 
_reflns.observed_criterion_F_max     ? 
_reflns.observed_criterion_F_min     ? 
_reflns.pdbx_chi_squared             ? 
_reflns.pdbx_scaling_rejects         ? 
_reflns.pdbx_ordinal                 1 
_reflns.pdbx_diffrn_id               1,2 
# 
_reflns_shell.d_res_high             1.6 
_reflns_shell.d_res_low              1.66 
_reflns_shell.percent_possible_all   67.4 
_reflns_shell.Rmerge_I_obs           0.192 
_reflns_shell.pdbx_Rsym_value        ? 
_reflns_shell.meanI_over_sigI_obs    6.7 
_reflns_shell.pdbx_redundancy        4.5 
_reflns_shell.percent_possible_obs   ? 
_reflns_shell.number_unique_all      760 
_reflns_shell.number_measured_all    ? 
_reflns_shell.number_measured_obs    ? 
_reflns_shell.number_unique_obs      ? 
_reflns_shell.pdbx_chi_squared       ? 
_reflns_shell.pdbx_ordinal           1 
_reflns_shell.pdbx_diffrn_id         1,2 
# 
_refine.entry_id                                 1U84 
_refine.ls_number_reflns_obs                     9481 
_refine.ls_number_reflns_all                     9481 
_refine.pdbx_ls_sigma_I                          ? 
_refine.pdbx_ls_sigma_F                          0.0 
_refine.pdbx_data_cutoff_high_absF               ? 
_refine.pdbx_data_cutoff_low_absF                ? 
_refine.pdbx_data_cutoff_high_rms_absF           ? 
_refine.ls_d_res_low                             36.79 
_refine.ls_d_res_high                            1.60 
_refine.ls_percent_reflns_obs                    90.30 
_refine.ls_R_factor_obs                          0.21045 
_refine.ls_R_factor_all                          0.2104 
_refine.ls_R_factor_R_work                       0.2052 
_refine.ls_R_factor_R_free                       0.25972 
_refine.ls_R_factor_R_free_error                 ? 
_refine.ls_R_factor_R_free_error_details         ? 
_refine.ls_percent_reflns_R_free                 9.8 
_refine.ls_number_reflns_R_free                  1030 
_refine.ls_number_parameters                     ? 
_refine.ls_number_restraints                     ? 
_refine.occupancy_min                            ? 
_refine.occupancy_max                            ? 
_refine.correlation_coeff_Fo_to_Fc               0.926 
_refine.correlation_coeff_Fo_to_Fc_free          0.902 
_refine.B_iso_mean                               17.514 
_refine.aniso_B[1][1]                            -0.09 
_refine.aniso_B[2][2]                            0.07 
_refine.aniso_B[3][3]                            0.02 
_refine.aniso_B[1][2]                            0.00 
_refine.aniso_B[1][3]                            0.00 
_refine.aniso_B[2][3]                            0.00 
_refine.solvent_model_details                    MASK 
_refine.solvent_model_param_ksol                 ? 
_refine.solvent_model_param_bsol                 ? 
_refine.pdbx_solvent_vdw_probe_radii             1.20 
_refine.pdbx_solvent_ion_probe_radii             0.80 
_refine.pdbx_solvent_shrinkage_radii             0.80 
_refine.pdbx_ls_cross_valid_method               THROUGHOUT 
_refine.details                                  ? 
_refine.pdbx_starting_model                      ? 
_refine.pdbx_method_to_determine_struct          SAD 
_refine.pdbx_isotropic_thermal_model             ? 
_refine.pdbx_stereochemistry_target_values       'MAXIMUM LIKELIHOOD' 
_refine.pdbx_stereochem_target_val_spec_case     ? 
_refine.pdbx_R_Free_selection_details            RANDOM 
_refine.pdbx_overall_ESU_R                       0.124 
_refine.pdbx_overall_ESU_R_Free                  0.128 
_refine.overall_SU_ML                            0.065 
_refine.overall_SU_B                             3.524 
_refine.ls_redundancy_reflns_obs                 ? 
_refine.B_iso_min                                ? 
_refine.B_iso_max                                ? 
_refine.overall_SU_R_Cruickshank_DPI             ? 
_refine.overall_SU_R_free                        ? 
_refine.ls_wR_factor_R_free                      ? 
_refine.ls_wR_factor_R_work                      ? 
_refine.overall_FOM_free_R_set                   ? 
_refine.overall_FOM_work_R_set                   ? 
_refine.pdbx_refine_id                           'X-RAY DIFFRACTION' 
_refine.pdbx_diffrn_id                           1,2 
_refine.pdbx_overall_phase_error                 ? 
_refine.pdbx_TLS_residual_ADP_flag               ? 
_refine.pdbx_overall_SU_R_free_Cruickshank_DPI   ? 
_refine.pdbx_overall_SU_R_Blow_DPI               ? 
_refine.pdbx_overall_SU_R_free_Blow_DPI          ? 
# 
_refine_hist.pdbx_refine_id                   'X-RAY DIFFRACTION' 
_refine_hist.cycle_id                         LAST 
_refine_hist.pdbx_number_atoms_protein        647 
_refine_hist.pdbx_number_atoms_nucleic_acid   0 
_refine_hist.pdbx_number_atoms_ligand         10 
_refine_hist.number_atoms_solvent             128 
_refine_hist.number_atoms_total               785 
_refine_hist.d_res_high                       1.60 
_refine_hist.d_res_low                        36.79 
# 
loop_
_refine_ls_restr.type 
_refine_ls_restr.dev_ideal 
_refine_ls_restr.dev_ideal_target 
_refine_ls_restr.weight 
_refine_ls_restr.number 
_refine_ls_restr.pdbx_refine_id 
_refine_ls_restr.pdbx_restraint_function 
r_bond_refined_d         0.013  0.022  ? 670 'X-RAY DIFFRACTION' ? 
r_bond_other_d           ?      ?      ? ?   'X-RAY DIFFRACTION' ? 
r_angle_refined_deg      1.295  1.975  ? 906 'X-RAY DIFFRACTION' ? 
r_angle_other_deg        ?      ?      ? ?   'X-RAY DIFFRACTION' ? 
r_dihedral_angle_1_deg   4.624  5.000  ? 80  'X-RAY DIFFRACTION' ? 
r_dihedral_angle_2_deg   31.575 23.939 ? 33  'X-RAY DIFFRACTION' ? 
r_dihedral_angle_3_deg   11.636 15.000 ? 108 'X-RAY DIFFRACTION' ? 
r_dihedral_angle_4_deg   25.454 15.000 ? 5   'X-RAY DIFFRACTION' ? 
r_chiral_restr           0.081  0.200  ? 98  'X-RAY DIFFRACTION' ? 
r_gen_planes_refined     0.007  0.020  ? 511 'X-RAY DIFFRACTION' ? 
r_gen_planes_other       ?      ?      ? ?   'X-RAY DIFFRACTION' ? 
r_nbd_refined            0.232  0.200  ? 384 'X-RAY DIFFRACTION' ? 
r_nbd_other              ?      ?      ? ?   'X-RAY DIFFRACTION' ? 
r_nbtor_refined          ?      ?      ? ?   'X-RAY DIFFRACTION' ? 
r_nbtor_other            ?      ?      ? ?   'X-RAY DIFFRACTION' ? 
r_xyhbond_nbd_refined    0.177  0.200  ? 100 'X-RAY DIFFRACTION' ? 
r_xyhbond_nbd_other      ?      ?      ? ?   'X-RAY DIFFRACTION' ? 
r_metal_ion_refined      ?      ?      ? ?   'X-RAY DIFFRACTION' ? 
r_metal_ion_other        ?      ?      ? ?   'X-RAY DIFFRACTION' ? 
r_symmetry_vdw_refined   0.340  0.200  ? 34  'X-RAY DIFFRACTION' ? 
r_symmetry_vdw_other     ?      ?      ? ?   'X-RAY DIFFRACTION' ? 
r_symmetry_hbond_refined 0.193  0.200  ? 23  'X-RAY DIFFRACTION' ? 
r_symmetry_hbond_other   ?      ?      ? ?   'X-RAY DIFFRACTION' ? 
r_mcbond_it              1.087  1.500  ? 413 'X-RAY DIFFRACTION' ? 
r_mcbond_other           ?      ?      ? ?   'X-RAY DIFFRACTION' ? 
r_mcangle_it             1.793  2.000  ? 642 'X-RAY DIFFRACTION' ? 
r_scbond_it              2.649  3.000  ? 293 'X-RAY DIFFRACTION' ? 
r_scangle_it             4.297  4.500  ? 264 'X-RAY DIFFRACTION' ? 
r_rigid_bond_restr       ?      ?      ? ?   'X-RAY DIFFRACTION' ? 
r_sphericity_free        ?      ?      ? ?   'X-RAY DIFFRACTION' ? 
r_sphericity_bonded      ?      ?      ? ?   'X-RAY DIFFRACTION' ? 
# 
_refine_ls_shell.pdbx_total_number_of_bins_used   20 
_refine_ls_shell.d_res_high                       1.601 
_refine_ls_shell.d_res_low                        1.643 
_refine_ls_shell.number_reflns_R_work             458 
_refine_ls_shell.R_factor_R_work                  0.227 
_refine_ls_shell.percent_reflns_obs               ? 
_refine_ls_shell.R_factor_R_free                  0.321 
_refine_ls_shell.R_factor_R_free_error            ? 
_refine_ls_shell.percent_reflns_R_free            ? 
_refine_ls_shell.number_reflns_R_free             52 
_refine_ls_shell.number_reflns_obs                458 
_refine_ls_shell.redundancy_reflns_obs            ? 
_refine_ls_shell.number_reflns_all                ? 
_refine_ls_shell.pdbx_refine_id                   'X-RAY DIFFRACTION' 
_refine_ls_shell.R_factor_all                     ? 
# 
_struct.entry_id                  1U84 
_struct.title                     'Crystal Structure of APC36109 from Bacillus stearothermophilus' 
_struct.pdbx_model_details        ? 
_struct.pdbx_CASP_flag            ? 
_struct.pdbx_model_type_details   ? 
# 
_struct_keywords.entry_id        1U84 
_struct_keywords.pdbx_keywords   'STRUCTURAL GENOMICS, UNKNOWN FUNCTION' 
_struct_keywords.text            
;Structural Genomics, Hypothetical Protein, Bacillus stearothermophilus, protein structure initiative, MCSG, PSI, Midwest Center for Structural Genomics, UNKNOWN FUNCTION
;
# 
loop_
_struct_asym.id 
_struct_asym.pdbx_blank_PDB_chainid_flag 
_struct_asym.pdbx_modified 
_struct_asym.entity_id 
_struct_asym.details 
A N N 1 ? 
B N N 2 ? 
C N N 3 ? 
D N N 4 ? 
# 
_struct_ref.id                         1 
_struct_ref.entity_id                  1 
_struct_ref.db_name                    PDB 
_struct_ref.db_code                    1U84 
_struct_ref.pdbx_db_accession          1U84 
_struct_ref.pdbx_align_begin           ? 
_struct_ref.pdbx_seq_one_letter_code   ? 
_struct_ref.pdbx_db_isoform            ? 
# 
_struct_ref_seq.align_id                      1 
_struct_ref_seq.ref_id                        1 
_struct_ref_seq.pdbx_PDB_id_code              1U84 
_struct_ref_seq.pdbx_strand_id                A 
_struct_ref_seq.seq_align_beg                 1 
_struct_ref_seq.pdbx_seq_align_beg_ins_code   ? 
_struct_ref_seq.seq_align_end                 90 
_struct_ref_seq.pdbx_seq_align_end_ins_code   ? 
_struct_ref_seq.pdbx_db_accession             1U84 
_struct_ref_seq.db_align_beg                  -2 
_struct_ref_seq.pdbx_db_align_beg_ins_code    ? 
_struct_ref_seq.db_align_end                  87 
_struct_ref_seq.pdbx_db_align_end_ins_code    ? 
_struct_ref_seq.pdbx_auth_seq_align_beg       -2 
_struct_ref_seq.pdbx_auth_seq_align_end       87 
# 
_pdbx_struct_assembly.id                   1 
_pdbx_struct_assembly.details              author_defined_assembly 
_pdbx_struct_assembly.method_details       ? 
_pdbx_struct_assembly.oligomeric_details   monomeric 
_pdbx_struct_assembly.oligomeric_count     1 
# 
_pdbx_struct_assembly_gen.assembly_id       1 
_pdbx_struct_assembly_gen.oper_expression   1 
_pdbx_struct_assembly_gen.asym_id_list      A,B,C,D 
# 
_pdbx_struct_oper_list.id                   1 
_pdbx_struct_oper_list.type                 'identity operation' 
_pdbx_struct_oper_list.name                 1_555 
_pdbx_struct_oper_list.symmetry_operation   x,y,z 
_pdbx_struct_oper_list.matrix[1][1]         1.0000000000 
_pdbx_struct_oper_list.matrix[1][2]         0.0000000000 
_pdbx_struct_oper_list.matrix[1][3]         0.0000000000 
_pdbx_struct_oper_list.vector[1]            0.0000000000 
_pdbx_struct_oper_list.matrix[2][1]         0.0000000000 
_pdbx_struct_oper_list.matrix[2][2]         1.0000000000 
_pdbx_struct_oper_list.matrix[2][3]         0.0000000000 
_pdbx_struct_oper_list.vector[2]            0.0000000000 
_pdbx_struct_oper_list.matrix[3][1]         0.0000000000 
_pdbx_struct_oper_list.matrix[3][2]         0.0000000000 
_pdbx_struct_oper_list.matrix[3][3]         1.0000000000 
_pdbx_struct_oper_list.vector[3]            0.0000000000 
# 
_struct_biol.id                    1 
_struct_biol.pdbx_parent_biol_id   ? 
_struct_biol.details               ? 
# 
loop_
_struct_conf.conf_type_id 
_struct_conf.id 
_struct_conf.pdbx_PDB_helix_id 
_struct_conf.beg_label_comp_id 
_struct_conf.beg_label_asym_id 
_struct_conf.beg_label_seq_id 
_struct_conf.pdbx_beg_PDB_ins_code 
_struct_conf.end_label_comp_id 
_struct_conf.end_label_asym_id 
_struct_conf.end_label_seq_id 
_struct_conf.pdbx_end_PDB_ins_code 
_struct_conf.beg_auth_comp_id 
_struct_conf.beg_auth_asym_id 
_struct_conf.beg_auth_seq_id 
_struct_conf.end_auth_comp_id 
_struct_conf.end_auth_asym_id 
_struct_conf.end_auth_seq_id 
_struct_conf.pdbx_PDB_helix_class 
_struct_conf.details 
_struct_conf.pdbx_PDB_helix_length 
HELX_P HELX_P1 1 GLN A 7  ? ASP A 21 ? GLN A 4  ASP A 18 1 ? 15 
HELX_P HELX_P2 2 GLY A 26 ? ALA A 29 ? GLY A 23 ALA A 26 5 ? 4  
HELX_P HELX_P3 3 TYR A 30 ? TYR A 42 ? TYR A 27 TYR A 39 1 ? 13 
HELX_P HELX_P4 4 ASP A 46 ? ASP A 63 ? ASP A 43 ASP A 60 1 ? 18 
HELX_P HELX_P5 5 PRO A 67 ? SER A 86 ? PRO A 64 SER A 83 1 ? 20 
# 
_struct_conf_type.id          HELX_P 
_struct_conf_type.criteria    ? 
_struct_conf_type.reference   ? 
# 
loop_
_struct_site.id 
_struct_site.pdbx_evidence_code 
_struct_site.pdbx_auth_asym_id 
_struct_site.pdbx_auth_comp_id 
_struct_site.pdbx_auth_seq_id 
_struct_site.pdbx_auth_ins_code 
_struct_site.pdbx_num_residues 
_struct_site.details 
AC1 Software A EDO 102 ? 3 'BINDING SITE FOR RESIDUE EDO A 102' 
AC2 Software A GOL 101 ? 8 'BINDING SITE FOR RESIDUE GOL A 101' 
# 
loop_
_struct_site_gen.id 
_struct_site_gen.site_id 
_struct_site_gen.pdbx_num_res 
_struct_site_gen.label_comp_id 
_struct_site_gen.label_asym_id 
_struct_site_gen.label_seq_id 
_struct_site_gen.pdbx_auth_ins_code 
_struct_site_gen.auth_comp_id 
_struct_site_gen.auth_asym_id 
_struct_site_gen.auth_seq_id 
_struct_site_gen.label_atom_id 
_struct_site_gen.label_alt_id 
_struct_site_gen.symmetry 
_struct_site_gen.details 
1  AC1 3 TRP A 16 ? TRP A 13  . ? 1_555 ? 
2  AC1 3 HOH D .  ? HOH A 264 . ? 1_555 ? 
3  AC1 3 HOH D .  ? HOH A 289 . ? 1_555 ? 
4  AC2 8 PHE A 23 ? PHE A 20  . ? 1_554 ? 
5  AC2 8 GLN A 39 ? GLN A 36  . ? 1_555 ? 
6  AC2 8 ARG A 48 ? ARG A 45  . ? 4_456 ? 
7  AC2 8 PHE A 62 ? PHE A 59  . ? 1_554 ? 
8  AC2 8 GLU A 64 ? GLU A 61  . ? 1_554 ? 
9  AC2 8 LEU A 72 ? LEU A 69  . ? 4_456 ? 
10 AC2 8 ARG A 76 ? ARG A 73  . ? 4_456 ? 
11 AC2 8 HOH D .  ? HOH A 315 . ? 1_555 ? 
# 
_pdbx_validate_torsion.id              1 
_pdbx_validate_torsion.PDB_model_num   1 
_pdbx_validate_torsion.auth_comp_id    ASP 
_pdbx_validate_torsion.auth_asym_id    A 
_pdbx_validate_torsion.auth_seq_id     18 
_pdbx_validate_torsion.PDB_ins_code    ? 
_pdbx_validate_torsion.label_alt_id    ? 
_pdbx_validate_torsion.phi             39.42 
_pdbx_validate_torsion.psi             61.08 
# 
_pdbx_SG_project.id                    1 
_pdbx_SG_project.project_name          'PSI, Protein Structure Initiative' 
_pdbx_SG_project.full_name_of_center   'Midwest Center for Structural Genomics' 
_pdbx_SG_project.initial_of_center     MCSG 
# 
loop_
_pdbx_unobs_or_zero_occ_residues.id 
_pdbx_unobs_or_zero_occ_residues.PDB_model_num 
_pdbx_unobs_or_zero_occ_residues.polymer_flag 
_pdbx_unobs_or_zero_occ_residues.occupancy_flag 
_pdbx_unobs_or_zero_occ_residues.auth_asym_id 
_pdbx_unobs_or_zero_occ_residues.auth_comp_id 
_pdbx_unobs_or_zero_occ_residues.auth_seq_id 
_pdbx_unobs_or_zero_occ_residues.PDB_ins_code 
_pdbx_unobs_or_zero_occ_residues.label_asym_id 
_pdbx_unobs_or_zero_occ_residues.label_comp_id 
_pdbx_unobs_or_zero_occ_residues.label_seq_id 
1 1 Y 1 A SER -2 ? A SER 1  
2 1 Y 1 A ASN -1 ? A ASN 2  
3 1 Y 1 A ALA 0  ? A ALA 3  
4 1 Y 1 A MET 1  ? A MET 4  
5 1 Y 1 A ASP 2  ? A ASP 5  
6 1 Y 1 A CYS 84 ? A CYS 87 
7 1 Y 1 A PRO 85 ? A PRO 88 
8 1 Y 1 A LEU 86 ? A LEU 89 
9 1 Y 1 A PRO 87 ? A PRO 90 
# 
loop_
_chem_comp_atom.comp_id 
_chem_comp_atom.atom_id 
_chem_comp_atom.type_symbol 
_chem_comp_atom.pdbx_aromatic_flag 
_chem_comp_atom.pdbx_stereo_config 
_chem_comp_atom.pdbx_ordinal 
ALA N    N N N 1   
ALA CA   C N S 2   
ALA C    C N N 3   
ALA O    O N N 4   
ALA CB   C N N 5   
ALA OXT  O N N 6   
ALA H    H N N 7   
ALA H2   H N N 8   
ALA HA   H N N 9   
ALA HB1  H N N 10  
ALA HB2  H N N 11  
ALA HB3  H N N 12  
ALA HXT  H N N 13  
ARG N    N N N 14  
ARG CA   C N S 15  
ARG C    C N N 16  
ARG O    O N N 17  
ARG CB   C N N 18  
ARG CG   C N N 19  
ARG CD   C N N 20  
ARG NE   N N N 21  
ARG CZ   C N N 22  
ARG NH1  N N N 23  
ARG NH2  N N N 24  
ARG OXT  O N N 25  
ARG H    H N N 26  
ARG H2   H N N 27  
ARG HA   H N N 28  
ARG HB2  H N N 29  
ARG HB3  H N N 30  
ARG HG2  H N N 31  
ARG HG3  H N N 32  
ARG HD2  H N N 33  
ARG HD3  H N N 34  
ARG HE   H N N 35  
ARG HH11 H N N 36  
ARG HH12 H N N 37  
ARG HH21 H N N 38  
ARG HH22 H N N 39  
ARG HXT  H N N 40  
ASN N    N N N 41  
ASN CA   C N S 42  
ASN C    C N N 43  
ASN O    O N N 44  
ASN CB   C N N 45  
ASN CG   C N N 46  
ASN OD1  O N N 47  
ASN ND2  N N N 48  
ASN OXT  O N N 49  
ASN H    H N N 50  
ASN H2   H N N 51  
ASN HA   H N N 52  
ASN HB2  H N N 53  
ASN HB3  H N N 54  
ASN HD21 H N N 55  
ASN HD22 H N N 56  
ASN HXT  H N N 57  
ASP N    N N N 58  
ASP CA   C N S 59  
ASP C    C N N 60  
ASP O    O N N 61  
ASP CB   C N N 62  
ASP CG   C N N 63  
ASP OD1  O N N 64  
ASP OD2  O N N 65  
ASP OXT  O N N 66  
ASP H    H N N 67  
ASP H2   H N N 68  
ASP HA   H N N 69  
ASP HB2  H N N 70  
ASP HB3  H N N 71  
ASP HD2  H N N 72  
ASP HXT  H N N 73  
CYS N    N N N 74  
CYS CA   C N R 75  
CYS C    C N N 76  
CYS O    O N N 77  
CYS CB   C N N 78  
CYS SG   S N N 79  
CYS OXT  O N N 80  
CYS H    H N N 81  
CYS H2   H N N 82  
CYS HA   H N N 83  
CYS HB2  H N N 84  
CYS HB3  H N N 85  
CYS HG   H N N 86  
CYS HXT  H N N 87  
EDO C1   C N N 88  
EDO O1   O N N 89  
EDO C2   C N N 90  
EDO O2   O N N 91  
EDO H11  H N N 92  
EDO H12  H N N 93  
EDO HO1  H N N 94  
EDO H21  H N N 95  
EDO H22  H N N 96  
EDO HO2  H N N 97  
GLN N    N N N 98  
GLN CA   C N S 99  
GLN C    C N N 100 
GLN O    O N N 101 
GLN CB   C N N 102 
GLN CG   C N N 103 
GLN CD   C N N 104 
GLN OE1  O N N 105 
GLN NE2  N N N 106 
GLN OXT  O N N 107 
GLN H    H N N 108 
GLN H2   H N N 109 
GLN HA   H N N 110 
GLN HB2  H N N 111 
GLN HB3  H N N 112 
GLN HG2  H N N 113 
GLN HG3  H N N 114 
GLN HE21 H N N 115 
GLN HE22 H N N 116 
GLN HXT  H N N 117 
GLU N    N N N 118 
GLU CA   C N S 119 
GLU C    C N N 120 
GLU O    O N N 121 
GLU CB   C N N 122 
GLU CG   C N N 123 
GLU CD   C N N 124 
GLU OE1  O N N 125 
GLU OE2  O N N 126 
GLU OXT  O N N 127 
GLU H    H N N 128 
GLU H2   H N N 129 
GLU HA   H N N 130 
GLU HB2  H N N 131 
GLU HB3  H N N 132 
GLU HG2  H N N 133 
GLU HG3  H N N 134 
GLU HE2  H N N 135 
GLU HXT  H N N 136 
GLY N    N N N 137 
GLY CA   C N N 138 
GLY C    C N N 139 
GLY O    O N N 140 
GLY OXT  O N N 141 
GLY H    H N N 142 
GLY H2   H N N 143 
GLY HA2  H N N 144 
GLY HA3  H N N 145 
GLY HXT  H N N 146 
GOL C1   C N N 147 
GOL O1   O N N 148 
GOL C2   C N N 149 
GOL O2   O N N 150 
GOL C3   C N N 151 
GOL O3   O N N 152 
GOL H11  H N N 153 
GOL H12  H N N 154 
GOL HO1  H N N 155 
GOL H2   H N N 156 
GOL HO2  H N N 157 
GOL H31  H N N 158 
GOL H32  H N N 159 
GOL HO3  H N N 160 
HIS N    N N N 161 
HIS CA   C N S 162 
HIS C    C N N 163 
HIS O    O N N 164 
HIS CB   C N N 165 
HIS CG   C Y N 166 
HIS ND1  N Y N 167 
HIS CD2  C Y N 168 
HIS CE1  C Y N 169 
HIS NE2  N Y N 170 
HIS OXT  O N N 171 
HIS H    H N N 172 
HIS H2   H N N 173 
HIS HA   H N N 174 
HIS HB2  H N N 175 
HIS HB3  H N N 176 
HIS HD1  H N N 177 
HIS HD2  H N N 178 
HIS HE1  H N N 179 
HIS HE2  H N N 180 
HIS HXT  H N N 181 
HOH O    O N N 182 
HOH H1   H N N 183 
HOH H2   H N N 184 
ILE N    N N N 185 
ILE CA   C N S 186 
ILE C    C N N 187 
ILE O    O N N 188 
ILE CB   C N S 189 
ILE CG1  C N N 190 
ILE CG2  C N N 191 
ILE CD1  C N N 192 
ILE OXT  O N N 193 
ILE H    H N N 194 
ILE H2   H N N 195 
ILE HA   H N N 196 
ILE HB   H N N 197 
ILE HG12 H N N 198 
ILE HG13 H N N 199 
ILE HG21 H N N 200 
ILE HG22 H N N 201 
ILE HG23 H N N 202 
ILE HD11 H N N 203 
ILE HD12 H N N 204 
ILE HD13 H N N 205 
ILE HXT  H N N 206 
LEU N    N N N 207 
LEU CA   C N S 208 
LEU C    C N N 209 
LEU O    O N N 210 
LEU CB   C N N 211 
LEU CG   C N N 212 
LEU CD1  C N N 213 
LEU CD2  C N N 214 
LEU OXT  O N N 215 
LEU H    H N N 216 
LEU H2   H N N 217 
LEU HA   H N N 218 
LEU HB2  H N N 219 
LEU HB3  H N N 220 
LEU HG   H N N 221 
LEU HD11 H N N 222 
LEU HD12 H N N 223 
LEU HD13 H N N 224 
LEU HD21 H N N 225 
LEU HD22 H N N 226 
LEU HD23 H N N 227 
LEU HXT  H N N 228 
LYS N    N N N 229 
LYS CA   C N S 230 
LYS C    C N N 231 
LYS O    O N N 232 
LYS CB   C N N 233 
LYS CG   C N N 234 
LYS CD   C N N 235 
LYS CE   C N N 236 
LYS NZ   N N N 237 
LYS OXT  O N N 238 
LYS H    H N N 239 
LYS H2   H N N 240 
LYS HA   H N N 241 
LYS HB2  H N N 242 
LYS HB3  H N N 243 
LYS HG2  H N N 244 
LYS HG3  H N N 245 
LYS HD2  H N N 246 
LYS HD3  H N N 247 
LYS HE2  H N N 248 
LYS HE3  H N N 249 
LYS HZ1  H N N 250 
LYS HZ2  H N N 251 
LYS HZ3  H N N 252 
LYS HXT  H N N 253 
MET N    N N N 254 
MET CA   C N S 255 
MET C    C N N 256 
MET O    O N N 257 
MET CB   C N N 258 
MET CG   C N N 259 
MET SD   S N N 260 
MET CE   C N N 261 
MET OXT  O N N 262 
MET H    H N N 263 
MET H2   H N N 264 
MET HA   H N N 265 
MET HB2  H N N 266 
MET HB3  H N N 267 
MET HG2  H N N 268 
MET HG3  H N N 269 
MET HE1  H N N 270 
MET HE2  H N N 271 
MET HE3  H N N 272 
MET HXT  H N N 273 
PHE N    N N N 274 
PHE CA   C N S 275 
PHE C    C N N 276 
PHE O    O N N 277 
PHE CB   C N N 278 
PHE CG   C Y N 279 
PHE CD1  C Y N 280 
PHE CD2  C Y N 281 
PHE CE1  C Y N 282 
PHE CE2  C Y N 283 
PHE CZ   C Y N 284 
PHE OXT  O N N 285 
PHE H    H N N 286 
PHE H2   H N N 287 
PHE HA   H N N 288 
PHE HB2  H N N 289 
PHE HB3  H N N 290 
PHE HD1  H N N 291 
PHE HD2  H N N 292 
PHE HE1  H N N 293 
PHE HE2  H N N 294 
PHE HZ   H N N 295 
PHE HXT  H N N 296 
PRO N    N N N 297 
PRO CA   C N S 298 
PRO C    C N N 299 
PRO O    O N N 300 
PRO CB   C N N 301 
PRO CG   C N N 302 
PRO CD   C N N 303 
PRO OXT  O N N 304 
PRO H    H N N 305 
PRO HA   H N N 306 
PRO HB2  H N N 307 
PRO HB3  H N N 308 
PRO HG2  H N N 309 
PRO HG3  H N N 310 
PRO HD2  H N N 311 
PRO HD3  H N N 312 
PRO HXT  H N N 313 
SER N    N N N 314 
SER CA   C N S 315 
SER C    C N N 316 
SER O    O N N 317 
SER CB   C N N 318 
SER OG   O N N 319 
SER OXT  O N N 320 
SER H    H N N 321 
SER H2   H N N 322 
SER HA   H N N 323 
SER HB2  H N N 324 
SER HB3  H N N 325 
SER HG   H N N 326 
SER HXT  H N N 327 
THR N    N N N 328 
THR CA   C N S 329 
THR C    C N N 330 
THR O    O N N 331 
THR CB   C N R 332 
THR OG1  O N N 333 
THR CG2  C N N 334 
THR OXT  O N N 335 
THR H    H N N 336 
THR H2   H N N 337 
THR HA   H N N 338 
THR HB   H N N 339 
THR HG1  H N N 340 
THR HG21 H N N 341 
THR HG22 H N N 342 
THR HG23 H N N 343 
THR HXT  H N N 344 
TRP N    N N N 345 
TRP CA   C N S 346 
TRP C    C N N 347 
TRP O    O N N 348 
TRP CB   C N N 349 
TRP CG   C Y N 350 
TRP CD1  C Y N 351 
TRP CD2  C Y N 352 
TRP NE1  N Y N 353 
TRP CE2  C Y N 354 
TRP CE3  C Y N 355 
TRP CZ2  C Y N 356 
TRP CZ3  C Y N 357 
TRP CH2  C Y N 358 
TRP OXT  O N N 359 
TRP H    H N N 360 
TRP H2   H N N 361 
TRP HA   H N N 362 
TRP HB2  H N N 363 
TRP HB3  H N N 364 
TRP HD1  H N N 365 
TRP HE1  H N N 366 
TRP HE3  H N N 367 
TRP HZ2  H N N 368 
TRP HZ3  H N N 369 
TRP HH2  H N N 370 
TRP HXT  H N N 371 
TYR N    N N N 372 
TYR CA   C N S 373 
TYR C    C N N 374 
TYR O    O N N 375 
TYR CB   C N N 376 
TYR CG   C Y N 377 
TYR CD1  C Y N 378 
TYR CD2  C Y N 379 
TYR CE1  C Y N 380 
TYR CE2  C Y N 381 
TYR CZ   C Y N 382 
TYR OH   O N N 383 
TYR OXT  O N N 384 
TYR H    H N N 385 
TYR H2   H N N 386 
TYR HA   H N N 387 
TYR HB2  H N N 388 
TYR HB3  H N N 389 
TYR HD1  H N N 390 
TYR HD2  H N N 391 
TYR HE1  H N N 392 
TYR HE2  H N N 393 
TYR HH   H N N 394 
TYR HXT  H N N 395 
VAL N    N N N 396 
VAL CA   C N S 397 
VAL C    C N N 398 
VAL O    O N N 399 
VAL CB   C N N 400 
VAL CG1  C N N 401 
VAL CG2  C N N 402 
VAL OXT  O N N 403 
VAL H    H N N 404 
VAL H2   H N N 405 
VAL HA   H N N 406 
VAL HB   H N N 407 
VAL HG11 H N N 408 
VAL HG12 H N N 409 
VAL HG13 H N N 410 
VAL HG21 H N N 411 
VAL HG22 H N N 412 
VAL HG23 H N N 413 
VAL HXT  H N N 414 
# 
loop_
_chem_comp_bond.comp_id 
_chem_comp_bond.atom_id_1 
_chem_comp_bond.atom_id_2 
_chem_comp_bond.value_order 
_chem_comp_bond.pdbx_aromatic_flag 
_chem_comp_bond.pdbx_stereo_config 
_chem_comp_bond.pdbx_ordinal 
ALA N   CA   sing N N 1   
ALA N   H    sing N N 2   
ALA N   H2   sing N N 3   
ALA CA  C    sing N N 4   
ALA CA  CB   sing N N 5   
ALA CA  HA   sing N N 6   
ALA C   O    doub N N 7   
ALA C   OXT  sing N N 8   
ALA CB  HB1  sing N N 9   
ALA CB  HB2  sing N N 10  
ALA CB  HB3  sing N N 11  
ALA OXT HXT  sing N N 12  
ARG N   CA   sing N N 13  
ARG N   H    sing N N 14  
ARG N   H2   sing N N 15  
ARG CA  C    sing N N 16  
ARG CA  CB   sing N N 17  
ARG CA  HA   sing N N 18  
ARG C   O    doub N N 19  
ARG C   OXT  sing N N 20  
ARG CB  CG   sing N N 21  
ARG CB  HB2  sing N N 22  
ARG CB  HB3  sing N N 23  
ARG CG  CD   sing N N 24  
ARG CG  HG2  sing N N 25  
ARG CG  HG3  sing N N 26  
ARG CD  NE   sing N N 27  
ARG CD  HD2  sing N N 28  
ARG CD  HD3  sing N N 29  
ARG NE  CZ   sing N N 30  
ARG NE  HE   sing N N 31  
ARG CZ  NH1  sing N N 32  
ARG CZ  NH2  doub N N 33  
ARG NH1 HH11 sing N N 34  
ARG NH1 HH12 sing N N 35  
ARG NH2 HH21 sing N N 36  
ARG NH2 HH22 sing N N 37  
ARG OXT HXT  sing N N 38  
ASN N   CA   sing N N 39  
ASN N   H    sing N N 40  
ASN N   H2   sing N N 41  
ASN CA  C    sing N N 42  
ASN CA  CB   sing N N 43  
ASN CA  HA   sing N N 44  
ASN C   O    doub N N 45  
ASN C   OXT  sing N N 46  
ASN CB  CG   sing N N 47  
ASN CB  HB2  sing N N 48  
ASN CB  HB3  sing N N 49  
ASN CG  OD1  doub N N 50  
ASN CG  ND2  sing N N 51  
ASN ND2 HD21 sing N N 52  
ASN ND2 HD22 sing N N 53  
ASN OXT HXT  sing N N 54  
ASP N   CA   sing N N 55  
ASP N   H    sing N N 56  
ASP N   H2   sing N N 57  
ASP CA  C    sing N N 58  
ASP CA  CB   sing N N 59  
ASP CA  HA   sing N N 60  
ASP C   O    doub N N 61  
ASP C   OXT  sing N N 62  
ASP CB  CG   sing N N 63  
ASP CB  HB2  sing N N 64  
ASP CB  HB3  sing N N 65  
ASP CG  OD1  doub N N 66  
ASP CG  OD2  sing N N 67  
ASP OD2 HD2  sing N N 68  
ASP OXT HXT  sing N N 69  
CYS N   CA   sing N N 70  
CYS N   H    sing N N 71  
CYS N   H2   sing N N 72  
CYS CA  C    sing N N 73  
CYS CA  CB   sing N N 74  
CYS CA  HA   sing N N 75  
CYS C   O    doub N N 76  
CYS C   OXT  sing N N 77  
CYS CB  SG   sing N N 78  
CYS CB  HB2  sing N N 79  
CYS CB  HB3  sing N N 80  
CYS SG  HG   sing N N 81  
CYS OXT HXT  sing N N 82  
EDO C1  O1   sing N N 83  
EDO C1  C2   sing N N 84  
EDO C1  H11  sing N N 85  
EDO C1  H12  sing N N 86  
EDO O1  HO1  sing N N 87  
EDO C2  O2   sing N N 88  
EDO C2  H21  sing N N 89  
EDO C2  H22  sing N N 90  
EDO O2  HO2  sing N N 91  
GLN N   CA   sing N N 92  
GLN N   H    sing N N 93  
GLN N   H2   sing N N 94  
GLN CA  C    sing N N 95  
GLN CA  CB   sing N N 96  
GLN CA  HA   sing N N 97  
GLN C   O    doub N N 98  
GLN C   OXT  sing N N 99  
GLN CB  CG   sing N N 100 
GLN CB  HB2  sing N N 101 
GLN CB  HB3  sing N N 102 
GLN CG  CD   sing N N 103 
GLN CG  HG2  sing N N 104 
GLN CG  HG3  sing N N 105 
GLN CD  OE1  doub N N 106 
GLN CD  NE2  sing N N 107 
GLN NE2 HE21 sing N N 108 
GLN NE2 HE22 sing N N 109 
GLN OXT HXT  sing N N 110 
GLU N   CA   sing N N 111 
GLU N   H    sing N N 112 
GLU N   H2   sing N N 113 
GLU CA  C    sing N N 114 
GLU CA  CB   sing N N 115 
GLU CA  HA   sing N N 116 
GLU C   O    doub N N 117 
GLU C   OXT  sing N N 118 
GLU CB  CG   sing N N 119 
GLU CB  HB2  sing N N 120 
GLU CB  HB3  sing N N 121 
GLU CG  CD   sing N N 122 
GLU CG  HG2  sing N N 123 
GLU CG  HG3  sing N N 124 
GLU CD  OE1  doub N N 125 
GLU CD  OE2  sing N N 126 
GLU OE2 HE2  sing N N 127 
GLU OXT HXT  sing N N 128 
GLY N   CA   sing N N 129 
GLY N   H    sing N N 130 
GLY N   H2   sing N N 131 
GLY CA  C    sing N N 132 
GLY CA  HA2  sing N N 133 
GLY CA  HA3  sing N N 134 
GLY C   O    doub N N 135 
GLY C   OXT  sing N N 136 
GLY OXT HXT  sing N N 137 
GOL C1  O1   sing N N 138 
GOL C1  C2   sing N N 139 
GOL C1  H11  sing N N 140 
GOL C1  H12  sing N N 141 
GOL O1  HO1  sing N N 142 
GOL C2  O2   sing N N 143 
GOL C2  C3   sing N N 144 
GOL C2  H2   sing N N 145 
GOL O2  HO2  sing N N 146 
GOL C3  O3   sing N N 147 
GOL C3  H31  sing N N 148 
GOL C3  H32  sing N N 149 
GOL O3  HO3  sing N N 150 
HIS N   CA   sing N N 151 
HIS N   H    sing N N 152 
HIS N   H2   sing N N 153 
HIS CA  C    sing N N 154 
HIS CA  CB   sing N N 155 
HIS CA  HA   sing N N 156 
HIS C   O    doub N N 157 
HIS C   OXT  sing N N 158 
HIS CB  CG   sing N N 159 
HIS CB  HB2  sing N N 160 
HIS CB  HB3  sing N N 161 
HIS CG  ND1  sing Y N 162 
HIS CG  CD2  doub Y N 163 
HIS ND1 CE1  doub Y N 164 
HIS ND1 HD1  sing N N 165 
HIS CD2 NE2  sing Y N 166 
HIS CD2 HD2  sing N N 167 
HIS CE1 NE2  sing Y N 168 
HIS CE1 HE1  sing N N 169 
HIS NE2 HE2  sing N N 170 
HIS OXT HXT  sing N N 171 
HOH O   H1   sing N N 172 
HOH O   H2   sing N N 173 
ILE N   CA   sing N N 174 
ILE N   H    sing N N 175 
ILE N   H2   sing N N 176 
ILE CA  C    sing N N 177 
ILE CA  CB   sing N N 178 
ILE CA  HA   sing N N 179 
ILE C   O    doub N N 180 
ILE C   OXT  sing N N 181 
ILE CB  CG1  sing N N 182 
ILE CB  CG2  sing N N 183 
ILE CB  HB   sing N N 184 
ILE CG1 CD1  sing N N 185 
ILE CG1 HG12 sing N N 186 
ILE CG1 HG13 sing N N 187 
ILE CG2 HG21 sing N N 188 
ILE CG2 HG22 sing N N 189 
ILE CG2 HG23 sing N N 190 
ILE CD1 HD11 sing N N 191 
ILE CD1 HD12 sing N N 192 
ILE CD1 HD13 sing N N 193 
ILE OXT HXT  sing N N 194 
LEU N   CA   sing N N 195 
LEU N   H    sing N N 196 
LEU N   H2   sing N N 197 
LEU CA  C    sing N N 198 
LEU CA  CB   sing N N 199 
LEU CA  HA   sing N N 200 
LEU C   O    doub N N 201 
LEU C   OXT  sing N N 202 
LEU CB  CG   sing N N 203 
LEU CB  HB2  sing N N 204 
LEU CB  HB3  sing N N 205 
LEU CG  CD1  sing N N 206 
LEU CG  CD2  sing N N 207 
LEU CG  HG   sing N N 208 
LEU CD1 HD11 sing N N 209 
LEU CD1 HD12 sing N N 210 
LEU CD1 HD13 sing N N 211 
LEU CD2 HD21 sing N N 212 
LEU CD2 HD22 sing N N 213 
LEU CD2 HD23 sing N N 214 
LEU OXT HXT  sing N N 215 
LYS N   CA   sing N N 216 
LYS N   H    sing N N 217 
LYS N   H2   sing N N 218 
LYS CA  C    sing N N 219 
LYS CA  CB   sing N N 220 
LYS CA  HA   sing N N 221 
LYS C   O    doub N N 222 
LYS C   OXT  sing N N 223 
LYS CB  CG   sing N N 224 
LYS CB  HB2  sing N N 225 
LYS CB  HB3  sing N N 226 
LYS CG  CD   sing N N 227 
LYS CG  HG2  sing N N 228 
LYS CG  HG3  sing N N 229 
LYS CD  CE   sing N N 230 
LYS CD  HD2  sing N N 231 
LYS CD  HD3  sing N N 232 
LYS CE  NZ   sing N N 233 
LYS CE  HE2  sing N N 234 
LYS CE  HE3  sing N N 235 
LYS NZ  HZ1  sing N N 236 
LYS NZ  HZ2  sing N N 237 
LYS NZ  HZ3  sing N N 238 
LYS OXT HXT  sing N N 239 
MET N   CA   sing N N 240 
MET N   H    sing N N 241 
MET N   H2   sing N N 242 
MET CA  C    sing N N 243 
MET CA  CB   sing N N 244 
MET CA  HA   sing N N 245 
MET C   O    doub N N 246 
MET C   OXT  sing N N 247 
MET CB  CG   sing N N 248 
MET CB  HB2  sing N N 249 
MET CB  HB3  sing N N 250 
MET CG  SD   sing N N 251 
MET CG  HG2  sing N N 252 
MET CG  HG3  sing N N 253 
MET SD  CE   sing N N 254 
MET CE  HE1  sing N N 255 
MET CE  HE2  sing N N 256 
MET CE  HE3  sing N N 257 
MET OXT HXT  sing N N 258 
PHE N   CA   sing N N 259 
PHE N   H    sing N N 260 
PHE N   H2   sing N N 261 
PHE CA  C    sing N N 262 
PHE CA  CB   sing N N 263 
PHE CA  HA   sing N N 264 
PHE C   O    doub N N 265 
PHE C   OXT  sing N N 266 
PHE CB  CG   sing N N 267 
PHE CB  HB2  sing N N 268 
PHE CB  HB3  sing N N 269 
PHE CG  CD1  doub Y N 270 
PHE CG  CD2  sing Y N 271 
PHE CD1 CE1  sing Y N 272 
PHE CD1 HD1  sing N N 273 
PHE CD2 CE2  doub Y N 274 
PHE CD2 HD2  sing N N 275 
PHE CE1 CZ   doub Y N 276 
PHE CE1 HE1  sing N N 277 
PHE CE2 CZ   sing Y N 278 
PHE CE2 HE2  sing N N 279 
PHE CZ  HZ   sing N N 280 
PHE OXT HXT  sing N N 281 
PRO N   CA   sing N N 282 
PRO N   CD   sing N N 283 
PRO N   H    sing N N 284 
PRO CA  C    sing N N 285 
PRO CA  CB   sing N N 286 
PRO CA  HA   sing N N 287 
PRO C   O    doub N N 288 
PRO C   OXT  sing N N 289 
PRO CB  CG   sing N N 290 
PRO CB  HB2  sing N N 291 
PRO CB  HB3  sing N N 292 
PRO CG  CD   sing N N 293 
PRO CG  HG2  sing N N 294 
PRO CG  HG3  sing N N 295 
PRO CD  HD2  sing N N 296 
PRO CD  HD3  sing N N 297 
PRO OXT HXT  sing N N 298 
SER N   CA   sing N N 299 
SER N   H    sing N N 300 
SER N   H2   sing N N 301 
SER CA  C    sing N N 302 
SER CA  CB   sing N N 303 
SER CA  HA   sing N N 304 
SER C   O    doub N N 305 
SER C   OXT  sing N N 306 
SER CB  OG   sing N N 307 
SER CB  HB2  sing N N 308 
SER CB  HB3  sing N N 309 
SER OG  HG   sing N N 310 
SER OXT HXT  sing N N 311 
THR N   CA   sing N N 312 
THR N   H    sing N N 313 
THR N   H2   sing N N 314 
THR CA  C    sing N N 315 
THR CA  CB   sing N N 316 
THR CA  HA   sing N N 317 
THR C   O    doub N N 318 
THR C   OXT  sing N N 319 
THR CB  OG1  sing N N 320 
THR CB  CG2  sing N N 321 
THR CB  HB   sing N N 322 
THR OG1 HG1  sing N N 323 
THR CG2 HG21 sing N N 324 
THR CG2 HG22 sing N N 325 
THR CG2 HG23 sing N N 326 
THR OXT HXT  sing N N 327 
TRP N   CA   sing N N 328 
TRP N   H    sing N N 329 
TRP N   H2   sing N N 330 
TRP CA  C    sing N N 331 
TRP CA  CB   sing N N 332 
TRP CA  HA   sing N N 333 
TRP C   O    doub N N 334 
TRP C   OXT  sing N N 335 
TRP CB  CG   sing N N 336 
TRP CB  HB2  sing N N 337 
TRP CB  HB3  sing N N 338 
TRP CG  CD1  doub Y N 339 
TRP CG  CD2  sing Y N 340 
TRP CD1 NE1  sing Y N 341 
TRP CD1 HD1  sing N N 342 
TRP CD2 CE2  doub Y N 343 
TRP CD2 CE3  sing Y N 344 
TRP NE1 CE2  sing Y N 345 
TRP NE1 HE1  sing N N 346 
TRP CE2 CZ2  sing Y N 347 
TRP CE3 CZ3  doub Y N 348 
TRP CE3 HE3  sing N N 349 
TRP CZ2 CH2  doub Y N 350 
TRP CZ2 HZ2  sing N N 351 
TRP CZ3 CH2  sing Y N 352 
TRP CZ3 HZ3  sing N N 353 
TRP CH2 HH2  sing N N 354 
TRP OXT HXT  sing N N 355 
TYR N   CA   sing N N 356 
TYR N   H    sing N N 357 
TYR N   H2   sing N N 358 
TYR CA  C    sing N N 359 
TYR CA  CB   sing N N 360 
TYR CA  HA   sing N N 361 
TYR C   O    doub N N 362 
TYR C   OXT  sing N N 363 
TYR CB  CG   sing N N 364 
TYR CB  HB2  sing N N 365 
TYR CB  HB3  sing N N 366 
TYR CG  CD1  doub Y N 367 
TYR CG  CD2  sing Y N 368 
TYR CD1 CE1  sing Y N 369 
TYR CD1 HD1  sing N N 370 
TYR CD2 CE2  doub Y N 371 
TYR CD2 HD2  sing N N 372 
TYR CE1 CZ   doub Y N 373 
TYR CE1 HE1  sing N N 374 
TYR CE2 CZ   sing Y N 375 
TYR CE2 HE2  sing N N 376 
TYR CZ  OH   sing N N 377 
TYR OH  HH   sing N N 378 
TYR OXT HXT  sing N N 379 
VAL N   CA   sing N N 380 
VAL N   H    sing N N 381 
VAL N   H2   sing N N 382 
VAL CA  C    sing N N 383 
VAL CA  CB   sing N N 384 
VAL CA  HA   sing N N 385 
VAL C   O    doub N N 386 
VAL C   OXT  sing N N 387 
VAL CB  CG1  sing N N 388 
VAL CB  CG2  sing N N 389 
VAL CB  HB   sing N N 390 
VAL CG1 HG11 sing N N 391 
VAL CG1 HG12 sing N N 392 
VAL CG1 HG13 sing N N 393 
VAL CG2 HG21 sing N N 394 
VAL CG2 HG22 sing N N 395 
VAL CG2 HG23 sing N N 396 
VAL OXT HXT  sing N N 397 
# 
_atom_sites.entry_id                    1U84 
_atom_sites.fract_transf_matrix[1][1]   0.00455635 
_atom_sites.fract_transf_matrix[1][2]   0.00543495 
_atom_sites.fract_transf_matrix[1][3]   0.02117486 
_atom_sites.fract_transf_matrix[2][1]   -0.01081809 
_atom_sites.fract_transf_matrix[2][2]   0.01108001 
_atom_sites.fract_transf_matrix[2][3]   -0.00051609 
_atom_sites.fract_transf_matrix[3][1]   -0.02358741 
_atom_sites.fract_transf_matrix[3][2]   -0.02252415 
_atom_sites.fract_transf_matrix[3][3]   0.01085674 
_atom_sites.fract_transf_vector[1]      -0.079742 
_atom_sites.fract_transf_vector[2]      0.185728 
_atom_sites.fract_transf_vector[3]      0.724222 
# 
loop_
_atom_type.symbol 
C 
N 
O 
S 
# 
loop_
_atom_site.group_PDB 
_atom_site.id 
_atom_site.type_symbol 
_atom_site.label_atom_id 
_atom_site.label_alt_id 
_atom_site.label_comp_id 
_atom_site.label_asym_id 
_atom_site.label_entity_id 
_atom_site.label_seq_id 
_atom_site.pdbx_PDB_ins_code 
_atom_site.Cartn_x 
_atom_site.Cartn_y 
_atom_site.Cartn_z 
_atom_site.occupancy 
_atom_site.B_iso_or_equiv 
_atom_site.pdbx_formal_charge 
_atom_site.auth_seq_id 
_atom_site.auth_comp_id 
_atom_site.auth_asym_id 
_atom_site.auth_atom_id 
_atom_site.pdbx_PDB_model_num 
ATOM   1   N N   . GLY A 1 6  ? 17.029  1.884   -9.465  1.00 28.88  ? 3   GLY A N   1 
ATOM   2   C CA  . GLY A 1 6  ? 16.432  0.762   -10.263 1.00 27.21  ? 3   GLY A CA  1 
ATOM   3   C C   . GLY A 1 6  ? 14.930  0.651   -10.094 1.00 26.10  ? 3   GLY A C   1 
ATOM   4   O O   . GLY A 1 6  ? 14.283  1.572   -9.588  1.00 26.49  ? 3   GLY A O   1 
ATOM   5   N N   . GLN A 1 7  ? 14.364  -0.466  -10.546 1.00 24.19  ? 4   GLN A N   1 
ATOM   6   C CA  . GLN A 1 7  ? 12.970  -0.774  -10.217 1.00 21.51  ? 4   GLN A CA  1 
ATOM   7   C C   . GLN A 1 7  ? 12.841  -1.872  -9.165  1.00 20.30  ? 4   GLN A C   1 
ATOM   8   O O   . GLN A 1 7  ? 11.733  -2.275  -8.836  1.00 19.07  ? 4   GLN A O   1 
ATOM   9   C CB  . GLN A 1 7  ? 12.178  -1.147  -11.466 1.00 21.17  ? 4   GLN A CB  1 
ATOM   10  C CG  . GLN A 1 7  ? 11.977  0.023   -12.434 1.00 22.49  ? 4   GLN A CG  1 
ATOM   11  C CD  . GLN A 1 7  ? 11.389  1.256   -11.760 1.00 21.99  ? 4   GLN A CD  1 
ATOM   12  O OE1 . GLN A 1 7  ? 12.057  2.283   -11.638 1.00 25.11  ? 4   GLN A OE1 1 
ATOM   13  N NE2 . GLN A 1 7  ? 10.157  1.157   -11.313 1.00 22.16  ? 4   GLN A NE2 1 
ATOM   14  N N   . GLN A 1 8  ? 13.979  -2.335  -8.653  1.00 19.39  ? 5   GLN A N   1 
ATOM   15  C CA  . GLN A 1 8  ? 14.034  -3.386  -7.626  1.00 18.28  ? 5   GLN A CA  1 
ATOM   16  C C   . GLN A 1 8  ? 13.204  -3.027  -6.383  1.00 16.43  ? 5   GLN A C   1 
ATOM   17  O O   . GLN A 1 8  ? 12.376  -3.842  -5.928  1.00 14.81  ? 5   GLN A O   1 
ATOM   18  C CB  . GLN A 1 8  ? 15.497  -3.684  -7.262  1.00 19.95  ? 5   GLN A CB  1 
ATOM   19  C CG  . GLN A 1 8  ? 16.287  -2.457  -6.810  1.00 24.84  ? 5   GLN A CG  1 
ATOM   20  C CD  . GLN A 1 8  ? 17.638  -2.315  -7.485  1.00 29.07  ? 5   GLN A CD  1 
ATOM   21  O OE1 . GLN A 1 8  ? 17.753  -2.450  -8.705  1.00 32.57  ? 5   GLN A OE1 1 
ATOM   22  N NE2 . GLN A 1 8  ? 18.658  -2.004  -6.698  1.00 31.70  ? 5   GLN A NE2 1 
ATOM   23  N N   . LEU A 1 9  ? 13.412  -1.820  -5.852  1.00 14.39  ? 6   LEU A N   1 
ATOM   24  C CA  . LEU A 1 9  ? 12.620  -1.346  -4.715  1.00 13.77  ? 6   LEU A CA  1 
ATOM   25  C C   . LEU A 1 9  ? 11.128  -1.333  -5.068  1.00 11.74  ? 6   LEU A C   1 
ATOM   26  O O   . LEU A 1 9  ? 10.301  -1.824  -4.320  1.00 12.12  ? 6   LEU A O   1 
ATOM   27  C CB  . LEU A 1 9  ? 13.054  0.049   -4.249  1.00 13.71  ? 6   LEU A CB  1 
ATOM   28  C CG  . LEU A 1 9  ? 12.256  0.590   -3.059  1.00 15.55  ? 6   LEU A CG  1 
ATOM   29  C CD1 . LEU A 1 9  ? 12.416  -0.312  -1.853  1.00 15.63  ? 6   LEU A CD1 1 
ATOM   30  C CD2 . LEU A 1 9  ? 12.647  2.038   -2.754  1.00 15.43  ? 6   LEU A CD2 1 
ATOM   31  N N   . ASN A 1 10 ? 10.788  -0.773  -6.220  1.00 10.74  ? 7   ASN A N   1 
ATOM   32  C CA  . ASN A 1 10 ? 9.381   -0.736  -6.584  1.00 9.11   ? 7   ASN A CA  1 
ATOM   33  C C   . ASN A 1 10 ? 8.752   -2.107  -6.706  1.00 9.22   ? 7   ASN A C   1 
ATOM   34  O O   . ASN A 1 10 ? 7.627   -2.294  -6.259  1.00 9.59   ? 7   ASN A O   1 
ATOM   35  C CB  . ASN A 1 10 ? 9.179   0.098   -7.853  1.00 9.47   ? 7   ASN A CB  1 
ATOM   36  C CG  . ASN A 1 10 ? 9.441   1.580   -7.603  1.00 9.28   ? 7   ASN A CG  1 
ATOM   37  O OD1 . ASN A 1 10 ? 9.398   2.028   -6.460  1.00 11.05  ? 7   ASN A OD1 1 
ATOM   38  N ND2 . ASN A 1 10 ? 9.768   2.322   -8.658  1.00 11.94  ? 7   ASN A ND2 1 
ATOM   39  N N   . ARG A 1 11 ? 9.469   -3.059  -7.292  1.00 10.81  ? 8   ARG A N   1 
ATOM   40  C CA  . ARG A 1 11 ? 8.893   -4.411  -7.423  1.00 11.95  ? 8   ARG A CA  1 
ATOM   41  C C   . ARG A 1 11 ? 8.601   -4.990  -6.040  1.00 12.08  ? 8   ARG A C   1 
ATOM   42  O O   . ARG A 1 11 ? 7.552   -5.637  -5.833  1.00 10.78  ? 8   ARG A O   1 
ATOM   43  C CB  . ARG A 1 11 ? 9.789   -5.342  -8.267  1.00 12.53  ? 8   ARG A CB  1 
ATOM   44  C CG  . ARG A 1 11 ? 9.754   -5.018  -9.754  1.00 15.34  ? 8   ARG A CG  1 
ATOM   45  C CD  . ARG A 1 11 ? 10.488  -6.097  -10.592 1.00 17.06  ? 8   ARG A CD  1 
ATOM   46  N NE  . ARG A 1 11 ? 11.841  -6.390  -10.118 1.00 22.94  ? 8   ARG A NE  1 
ATOM   47  C CZ  . ARG A 1 11 ? 12.951  -5.795  -10.558 1.00 25.72  ? 8   ARG A CZ  1 
ATOM   48  N NH1 . ARG A 1 11 ? 12.888  -4.850  -11.493 1.00 24.60  ? 8   ARG A NH1 1 
ATOM   49  N NH2 . ARG A 1 11 ? 14.138  -6.147  -10.054 1.00 28.16  ? 8   ARG A NH2 1 
ATOM   50  N N   . LEU A 1 12 ? 9.519   -4.758  -5.102  1.00 11.74  ? 9   LEU A N   1 
ATOM   51  C CA  . LEU A 1 12 ? 9.354   -5.259  -3.730  1.00 11.58  ? 9   LEU A CA  1 
ATOM   52  C C   . LEU A 1 12 ? 8.156   -4.596  -3.048  1.00 10.79  ? 9   LEU A C   1 
ATOM   53  O O   . LEU A 1 12 ? 7.308   -5.270  -2.438  1.00 10.21  ? 9   LEU A O   1 
ATOM   54  C CB  . LEU A 1 12 ? 10.630  -5.028  -2.923  1.00 12.41  ? 9   LEU A CB  1 
ATOM   55  C CG  . LEU A 1 12 ? 10.738  -5.798  -1.620  1.00 16.90  ? 9   LEU A CG  1 
ATOM   56  C CD1 . LEU A 1 12 ? 10.455  -7.292  -1.843  1.00 18.32  ? 9   LEU A CD1 1 
ATOM   57  C CD2 . LEU A 1 12 ? 12.134  -5.567  -1.094  1.00 18.09  ? 9   LEU A CD2 1 
ATOM   58  N N   . LEU A 1 13 ? 8.063   -3.275  -3.175  1.00 9.59   ? 10  LEU A N   1 
ATOM   59  C CA  . LEU A 1 13 ? 6.899   -2.574  -2.661  1.00 8.23   ? 10  LEU A CA  1 
ATOM   60  C C   . LEU A 1 13 ? 5.593   -3.123  -3.255  1.00 7.58   ? 10  LEU A C   1 
ATOM   61  O O   . LEU A 1 13 ? 4.638   -3.377  -2.534  1.00 8.34   ? 10  LEU A O   1 
ATOM   62  C CB  . LEU A 1 13 ? 6.970   -1.059  -2.934  1.00 8.89   ? 10  LEU A CB  1 
ATOM   63  C CG  . LEU A 1 13 ? 8.058   -0.328  -2.155  1.00 8.92   ? 10  LEU A CG  1 
ATOM   64  C CD1 . LEU A 1 13 ? 8.322   0.995   -2.817  1.00 9.61   ? 10  LEU A CD1 1 
ATOM   65  C CD2 . LEU A 1 13 ? 7.645   -0.131  -0.690  1.00 9.85   ? 10  LEU A CD2 1 
ATOM   66  N N   . LEU A 1 14 ? 5.557   -3.285  -4.565  1.00 8.50   ? 11  LEU A N   1 
ATOM   67  C CA  . LEU A 1 14 ? 4.370   -3.853  -5.210  1.00 8.67   ? 11  LEU A CA  1 
ATOM   68  C C   . LEU A 1 14 ? 4.042   -5.253  -4.684  1.00 8.82   ? 11  LEU A C   1 
ATOM   69  O O   . LEU A 1 14 ? 2.860   -5.581  -4.470  1.00 10.43  ? 11  LEU A O   1 
ATOM   70  C CB  . LEU A 1 14 ? 4.467   -3.866  -6.739  1.00 9.92   ? 11  LEU A CB  1 
ATOM   71  C CG  . LEU A 1 14 ? 4.417   -2.483  -7.423  1.00 9.06   ? 11  LEU A CG  1 
ATOM   72  C CD1 . LEU A 1 14 ? 4.872   -2.593  -8.874  1.00 9.63   ? 11  LEU A CD1 1 
ATOM   73  C CD2 . LEU A 1 14 ? 3.040   -1.792  -7.317  1.00 9.21   ? 11  LEU A CD2 1 
ATOM   74  N N   . GLU A 1 15 ? 5.059   -6.086  -4.525  1.00 10.12  ? 12  GLU A N   1 
ATOM   75  C CA  . GLU A 1 15 ? 4.858   -7.422  -3.925  1.00 11.27  ? 12  GLU A CA  1 
ATOM   76  C C   . GLU A 1 15 ? 4.233   -7.363  -2.548  1.00 10.63  ? 12  GLU A C   1 
ATOM   77  O O   . GLU A 1 15 ? 3.246   -8.060  -2.267  1.00 10.38  ? 12  GLU A O   1 
ATOM   78  C CB  . GLU A 1 15 ? 6.159   -8.212  -3.890  1.00 12.56  ? 12  GLU A CB  1 
ATOM   79  C CG  . GLU A 1 15 ? 6.566   -8.772  -5.232  1.00 18.88  ? 12  GLU A CG  1 
ATOM   80  C CD  . GLU A 1 15 ? 7.973   -9.369  -5.185  1.00 27.16  ? 12  GLU A CD  1 
ATOM   81  O OE1 . GLU A 1 15 ? 8.934   -8.625  -4.855  1.00 29.74  ? 12  GLU A OE1 1 
ATOM   82  O OE2 . GLU A 1 15 ? 8.115   -10.579 -5.486  1.00 31.68  ? 12  GLU A OE2 1 
ATOM   83  N N   . TRP A 1 16 ? 4.778   -6.503  -1.693  1.00 10.35  ? 13  TRP A N   1 
ATOM   84  C CA  . TRP A 1 16 ? 4.237   -6.324  -0.344  1.00 10.85  ? 13  TRP A CA  1 
ATOM   85  C C   . TRP A 1 16 ? 2.791   -5.847  -0.358  1.00 9.56   ? 13  TRP A C   1 
ATOM   86  O O   . TRP A 1 16 ? 1.974   -6.296  0.447   1.00 9.77   ? 13  TRP A O   1 
ATOM   87  C CB  . TRP A 1 16 ? 5.095   -5.327  0.428   1.00 12.14  ? 13  TRP A CB  1 
ATOM   88  C CG  . TRP A 1 16 ? 6.431   -5.858  0.850   1.00 15.20  ? 13  TRP A CG  1 
ATOM   89  C CD1 . TRP A 1 16 ? 7.062   -6.986  0.400   1.00 15.75  ? 13  TRP A CD1 1 
ATOM   90  C CD2 . TRP A 1 16 ? 7.347   -5.210  1.731   1.00 18.53  ? 13  TRP A CD2 1 
ATOM   91  N NE1 . TRP A 1 16 ? 8.282   -7.123  1.013   1.00 18.44  ? 13  TRP A NE1 1 
ATOM   92  C CE2 . TRP A 1 16 ? 8.492   -6.028  1.819   1.00 19.85  ? 13  TRP A CE2 1 
ATOM   93  C CE3 . TRP A 1 16 ? 7.296   -4.037  2.493   1.00 19.78  ? 13  TRP A CE3 1 
ATOM   94  C CZ2 . TRP A 1 16 ? 9.587   -5.693  2.626   1.00 19.11  ? 13  TRP A CZ2 1 
ATOM   95  C CZ3 . TRP A 1 16 ? 8.398   -3.699  3.283   1.00 18.68  ? 13  TRP A CZ3 1 
ATOM   96  C CH2 . TRP A 1 16 ? 9.518   -4.537  3.355   1.00 17.72  ? 13  TRP A CH2 1 
ATOM   97  N N   . ILE A 1 17 ? 2.456   -4.925  -1.276  1.00 8.09   ? 14  ILE A N   1 
ATOM   98  C CA  . ILE A 1 17 ? 1.113   -4.380  -1.294  1.00 7.54   ? 14  ILE A CA  1 
ATOM   99  C C   . ILE A 1 17 ? 0.150   -5.470  -1.738  1.00 8.99   ? 14  ILE A C   1 
ATOM   100 O O   . ILE A 1 17 ? -0.879  -5.674  -1.098  1.00 9.12   ? 14  ILE A O   1 
ATOM   101 C CB  . ILE A 1 17 ? 0.981   -3.126  -2.181  1.00 7.38   ? 14  ILE A CB  1 
ATOM   102 C CG1 . ILE A 1 17 ? 1.857   -2.024  -1.634  1.00 5.41   ? 14  ILE A CG1 1 
ATOM   103 C CG2 . ILE A 1 17 ? -0.486  -2.698  -2.216  1.00 7.58   ? 14  ILE A CG2 1 
ATOM   104 C CD1 . ILE A 1 17 ? 2.336   -0.999  -2.725  1.00 6.41   ? 14  ILE A CD1 1 
ATOM   105 N N   . GLY A 1 18 ? 0.521   -6.198  -2.791  1.00 8.85   ? 15  GLY A N   1 
ATOM   106 C CA  . GLY A 1 18 ? -0.353  -7.301  -3.268  1.00 10.21  ? 15  GLY A CA  1 
ATOM   107 C C   . GLY A 1 18 ? -0.537  -8.323  -2.159  1.00 11.30  ? 15  GLY A C   1 
ATOM   108 O O   . GLY A 1 18 ? -1.674  -8.792  -1.864  1.00 11.65  ? 15  GLY A O   1 
ATOM   109 N N   . ALA A 1 19 ? 0.586   -8.656  -1.519  1.00 10.79  ? 16  ALA A N   1 
ATOM   110 C CA  . ALA A 1 19 ? 0.583   -9.679  -0.461  1.00 12.49  ? 16  ALA A CA  1 
ATOM   111 C C   . ALA A 1 19 ? -0.256  -9.329  0.756   1.00 11.93  ? 16  ALA A C   1 
ATOM   112 O O   . ALA A 1 19 ? -0.750  -10.239 1.466   1.00 13.86  ? 16  ALA A O   1 
ATOM   113 C CB  . ALA A 1 19 ? 1.998   -10.040 -0.053  1.00 13.81  ? 16  ALA A CB  1 
ATOM   114 N N   . TRP A 1 20 ? -0.450  -8.036  1.002   1.00 11.39  ? 17  TRP A N   1 
ATOM   115 C CA  . TRP A 1 20 ? -1.337  -7.550  2.062   1.00 10.54  ? 17  TRP A CA  1 
ATOM   116 C C   . TRP A 1 20 ? -2.703  -8.270  2.026   1.00 11.28  ? 17  TRP A C   1 
ATOM   117 O O   . TRP A 1 20 ? -3.220  -8.714  3.067   1.00 11.89  ? 17  TRP A O   1 
ATOM   118 C CB  . TRP A 1 20 ? -1.530  -6.044  1.911   1.00 11.19  ? 17  TRP A CB  1 
ATOM   119 C CG  . TRP A 1 20 ? -2.149  -5.357  3.076   1.00 10.10  ? 17  TRP A CG  1 
ATOM   120 C CD1 . TRP A 1 20 ? -1.846  -5.522  4.415   1.00 12.35  ? 17  TRP A CD1 1 
ATOM   121 C CD2 . TRP A 1 20 ? -3.118  -4.335  3.007   1.00 9.51   ? 17  TRP A CD2 1 
ATOM   122 N NE1 . TRP A 1 20 ? -2.597  -4.669  5.176   1.00 9.37   ? 17  TRP A NE1 1 
ATOM   123 C CE2 . TRP A 1 20 ? -3.376  -3.902  4.334   1.00 10.51  ? 17  TRP A CE2 1 
ATOM   124 C CE3 . TRP A 1 20 ? -3.783  -3.697  1.939   1.00 8.51   ? 17  TRP A CE3 1 
ATOM   125 C CZ2 . TRP A 1 20 ? -4.302  -2.901  4.614   1.00 10.12  ? 17  TRP A CZ2 1 
ATOM   126 C CZ3 . TRP A 1 20 ? -4.701  -2.695  2.223   1.00 10.69  ? 17  TRP A CZ3 1 
ATOM   127 C CH2 . TRP A 1 20 ? -4.944  -2.295  3.555   1.00 12.20  ? 17  TRP A CH2 1 
ATOM   128 N N   . ASP A 1 21 ? -3.242  -8.419  0.813   1.00 10.40  ? 18  ASP A N   1 
ATOM   129 C CA  . ASP A 1 21 ? -4.429  -9.258  0.552   1.00 11.26  ? 18  ASP A CA  1 
ATOM   130 C C   . ASP A 1 21 ? -5.501  -9.152  1.663   1.00 11.29  ? 18  ASP A C   1 
ATOM   131 O O   . ASP A 1 21 ? -5.859  -10.160 2.317   1.00 12.02  ? 18  ASP A O   1 
ATOM   132 C CB  . ASP A 1 21 ? -4.014  -10.718 0.278   1.00 11.94  ? 18  ASP A CB  1 
ATOM   133 C CG  . ASP A 1 21 ? -5.166  -11.567 -0.269  1.00 13.27  ? 18  ASP A CG  1 
ATOM   134 O OD1 . ASP A 1 21 ? -6.242  -11.006 -0.598  1.00 12.07  ? 18  ASP A OD1 1 
ATOM   135 O OD2 . ASP A 1 21 ? -4.987  -12.807 -0.358  1.00 16.82  ? 18  ASP A OD2 1 
ATOM   136 N N   . PRO A 1 22 ? -6.043  -7.949  1.885   1.00 11.18  ? 19  PRO A N   1 
ATOM   137 C CA  . PRO A 1 22 ? -6.996  -7.715  2.976   1.00 12.08  ? 19  PRO A CA  1 
ATOM   138 C C   . PRO A 1 22 ? -8.305  -8.473  2.839   1.00 13.04  ? 19  PRO A C   1 
ATOM   139 O O   . PRO A 1 22 ? -8.983  -8.680  3.839   1.00 14.49  ? 19  PRO A O   1 
ATOM   140 C CB  . PRO A 1 22 ? -7.278  -6.221  2.885   1.00 13.56  ? 19  PRO A CB  1 
ATOM   141 C CG  . PRO A 1 22 ? -6.961  -5.876  1.448   1.00 10.84  ? 19  PRO A CG  1 
ATOM   142 C CD  . PRO A 1 22 ? -5.766  -6.698  1.142   1.00 9.89   ? 19  PRO A CD  1 
ATOM   143 N N   . PHE A 1 23 ? -8.639  -8.918  1.629   1.00 12.29  ? 20  PHE A N   1 
ATOM   144 C CA  . PHE A 1 23 ? -9.934  -9.592  1.450   1.00 12.44  ? 20  PHE A CA  1 
ATOM   145 C C   . PHE A 1 23 ? -9.799  -11.069 1.060   1.00 11.88  ? 20  PHE A C   1 
ATOM   146 O O   . PHE A 1 23 ? -10.779 -11.707 0.657   1.00 12.02  ? 20  PHE A O   1 
ATOM   147 C CB  . PHE A 1 23 ? -10.790 -8.795  0.461   1.00 12.58  ? 20  PHE A CB  1 
ATOM   148 C CG  . PHE A 1 23 ? -11.107 -7.410  0.937   1.00 12.16  ? 20  PHE A CG  1 
ATOM   149 C CD1 . PHE A 1 23 ? -11.755 -7.217  2.162   1.00 15.15  ? 20  PHE A CD1 1 
ATOM   150 C CD2 . PHE A 1 23 ? -10.722 -6.296  0.193   1.00 11.56  ? 20  PHE A CD2 1 
ATOM   151 C CE1 . PHE A 1 23 ? -12.048 -5.916  2.625   1.00 16.84  ? 20  PHE A CE1 1 
ATOM   152 C CE2 . PHE A 1 23 ? -10.996 -4.991  0.651   1.00 12.95  ? 20  PHE A CE2 1 
ATOM   153 C CZ  . PHE A 1 23 ? -11.646 -4.814  1.878   1.00 14.37  ? 20  PHE A CZ  1 
ATOM   154 N N   . GLY A 1 24 ? -8.591  -11.620 1.168   1.00 12.08  ? 21  GLY A N   1 
ATOM   155 C CA  . GLY A 1 24 ? -8.402  -13.062 0.899   1.00 12.34  ? 21  GLY A CA  1 
ATOM   156 C C   . GLY A 1 24 ? -8.726  -13.434 -0.540  1.00 12.74  ? 21  GLY A C   1 
ATOM   157 O O   . GLY A 1 24 ? -9.392  -14.438 -0.825  1.00 12.05  ? 21  GLY A O   1 
ATOM   158 N N   . LEU A 1 25 ? -8.241  -12.610 -1.457  1.00 12.36  ? 22  LEU A N   1 
ATOM   159 C CA  . LEU A 1 25 ? -8.485  -12.785 -2.894  1.00 12.29  ? 22  LEU A CA  1 
ATOM   160 C C   . LEU A 1 25 ? -7.260  -13.291 -3.666  1.00 12.44  ? 22  LEU A C   1 
ATOM   161 O O   . LEU A 1 25 ? -7.340  -13.618 -4.852  1.00 12.92  ? 22  LEU A O   1 
ATOM   162 C CB  . LEU A 1 25 ? -8.958  -11.432 -3.494  1.00 11.46  ? 22  LEU A CB  1 
ATOM   163 C CG  . LEU A 1 25 ? -10.240 -10.797 -2.939  1.00 11.55  ? 22  LEU A CG  1 
ATOM   164 C CD1 . LEU A 1 25 ? -10.405 -9.362  -3.471  1.00 11.84  ? 22  LEU A CD1 1 
ATOM   165 C CD2 . LEU A 1 25 ? -11.485 -11.623 -3.271  1.00 13.37  ? 22  LEU A CD2 1 
ATOM   166 N N   . GLY A 1 26 ? -6.127  -13.385 -2.971  1.00 14.02  ? 23  GLY A N   1 
ATOM   167 C CA  . GLY A 1 26 ? -4.856  -13.757 -3.564  1.00 14.92  ? 23  GLY A CA  1 
ATOM   168 C C   . GLY A 1 26 ? -4.091  -12.509 -3.969  1.00 16.15  ? 23  GLY A C   1 
ATOM   169 O O   . GLY A 1 26 ? -4.692  -11.481 -4.308  1.00 15.36  ? 23  GLY A O   1 
ATOM   170 N N   . LYS A 1 27 ? -2.767  -12.633 -3.985  1.00 17.90  ? 24  LYS A N   1 
ATOM   171 C CA  . LYS A 1 27 ? -1.876  -11.483 -4.227  1.00 20.32  ? 24  LYS A CA  1 
ATOM   172 C C   . LYS A 1 27 ? -2.049  -10.845 -5.608  1.00 20.24  ? 24  LYS A C   1 
ATOM   173 O O   . LYS A 1 27 ? -1.691  -9.675  -5.793  1.00 21.62  ? 24  LYS A O   1 
ATOM   174 C CB  . LYS A 1 27 ? -0.411  -11.868 -3.961  1.00 20.88  ? 24  LYS A CB  1 
ATOM   175 C CG  . LYS A 1 27 ? 0.220   -12.835 -4.988  1.00 21.78  ? 24  LYS A CG  1 
ATOM   176 C CD  . LYS A 1 27 ? 1.582   -13.344 -4.487  1.00 24.26  ? 24  LYS A CD  1 
ATOM   177 C CE  . LYS A 1 27 ? 2.242   -14.269 -5.499  1.00 27.98  ? 24  LYS A CE  1 
ATOM   178 N NZ  . LYS A 1 27 ? 3.694   -14.502 -5.187  1.00 32.00  ? 24  LYS A NZ  1 
ATOM   179 N N   . ASP A 1 28 ? -2.600  -11.590 -6.568  1.00 19.63  ? 25  ASP A N   1 
ATOM   180 C CA  . ASP A 1 28 ? -2.726  -11.104 -7.952  1.00 18.91  ? 25  ASP A CA  1 
ATOM   181 C C   . ASP A 1 28 ? -3.980  -10.285 -8.235  1.00 17.59  ? 25  ASP A C   1 
ATOM   182 O O   . ASP A 1 28 ? -4.165  -9.770  -9.343  1.00 18.91  ? 25  ASP A O   1 
ATOM   183 C CB  . ASP A 1 28 ? -2.701  -12.304 -8.915  1.00 20.45  ? 25  ASP A CB  1 
ATOM   184 C CG  . ASP A 1 28 ? -1.322  -12.845 -9.125  1.00 22.34  ? 25  ASP A CG  1 
ATOM   185 O OD1 . ASP A 1 28 ? -0.351  -12.137 -8.800  1.00 26.58  ? 25  ASP A OD1 1 
ATOM   186 O OD2 . ASP A 1 28 ? -1.205  -13.978 -9.635  1.00 28.82  ? 25  ASP A OD2 1 
ATOM   187 N N   . ALA A 1 29 ? -4.863  -10.166 -7.248  1.00 14.92  ? 26  ALA A N   1 
ATOM   188 C CA  . ALA A 1 29 ? -6.136  -9.507  -7.450  1.00 13.60  ? 26  ALA A CA  1 
ATOM   189 C C   . ALA A 1 29 ? -6.036  -7.982  -7.320  1.00 11.92  ? 26  ALA A C   1 
ATOM   190 O O   . ALA A 1 29 ? -7.048  -7.278  -7.459  1.00 11.10  ? 26  ALA A O   1 
ATOM   191 C CB  . ALA A 1 29 ? -7.180  -10.050 -6.448  1.00 13.77  ? 26  ALA A CB  1 
ATOM   192 N N   . TYR A 1 30 ? -4.837  -7.483  -7.000  1.00 10.21  ? 27  TYR A N   1 
ATOM   193 C CA  . TYR A 1 30 ? -4.710  -6.063  -6.580  1.00 8.70   ? 27  TYR A CA  1 
ATOM   194 C C   . TYR A 1 30 ? -3.743  -5.224  -7.381  1.00 9.37   ? 27  TYR A C   1 
ATOM   195 O O   . TYR A 1 30 ? -3.249  -4.205  -6.886  1.00 10.23  ? 27  TYR A O   1 
ATOM   196 C CB  . TYR A 1 30 ? -4.279  -5.987  -5.107  1.00 8.70   ? 27  TYR A CB  1 
ATOM   197 C CG  . TYR A 1 30 ? -5.168  -6.729  -4.117  1.00 7.45   ? 27  TYR A CG  1 
ATOM   198 C CD1 . TYR A 1 30 ? -6.258  -6.093  -3.513  1.00 7.38   ? 27  TYR A CD1 1 
ATOM   199 C CD2 . TYR A 1 30 ? -4.849  -8.040  -3.734  1.00 8.95   ? 27  TYR A CD2 1 
ATOM   200 C CE1 . TYR A 1 30 ? -7.056  -6.771  -2.589  1.00 7.97   ? 27  TYR A CE1 1 
ATOM   201 C CE2 . TYR A 1 30 ? -5.641  -8.733  -2.803  1.00 9.22   ? 27  TYR A CE2 1 
ATOM   202 C CZ  . TYR A 1 30 ? -6.692  -8.083  -2.205  1.00 8.13   ? 27  TYR A CZ  1 
ATOM   203 O OH  . TYR A 1 30 ? -7.440  -8.767  -1.284  1.00 9.99   ? 27  TYR A OH  1 
ATOM   204 N N   . ASP A 1 31 ? -3.450  -5.615  -8.621  1.00 9.28   ? 28  ASP A N   1 
ATOM   205 C CA  . ASP A 1 31 ? -2.423  -4.884  -9.392  1.00 10.12  ? 28  ASP A CA  1 
ATOM   206 C C   . ASP A 1 31 ? -2.740  -3.405  -9.559  1.00 9.72   ? 28  ASP A C   1 
ATOM   207 O O   . ASP A 1 31 ? -1.825  -2.556  -9.501  1.00 8.74   ? 28  ASP A O   1 
ATOM   208 C CB  . ASP A 1 31 ? -2.217  -5.517  -10.778 1.00 10.82  ? 28  ASP A CB  1 
ATOM   209 C CG  . ASP A 1 31 ? -1.608  -6.900  -10.712 1.00 14.68  ? 28  ASP A CG  1 
ATOM   210 O OD1 . ASP A 1 31 ? -1.064  -7.303  -9.655  1.00 14.96  ? 28  ASP A OD1 1 
ATOM   211 O OD2 . ASP A 1 31 ? -1.656  -7.579  -11.751 1.00 20.81  ? 28  ASP A OD2 1 
ATOM   212 N N   . VAL A 1 32 ? -4.012  -3.077  -9.749  1.00 8.58   ? 29  VAL A N   1 
ATOM   213 C CA  . VAL A 1 32 ? -4.429  -1.676  -9.958  1.00 8.55   ? 29  VAL A CA  1 
ATOM   214 C C   . VAL A 1 32 ? -4.192  -0.885  -8.650  1.00 7.75   ? 29  VAL A C   1 
ATOM   215 O O   . VAL A 1 32 ? -3.567  0.189   -8.640  1.00 7.85   ? 29  VAL A O   1 
ATOM   216 C CB  . VAL A 1 32 ? -5.891  -1.634  -10.385 1.00 9.53   ? 29  VAL A CB  1 
ATOM   217 C CG1 . VAL A 1 32 ? -6.438  -0.206  -10.369 1.00 7.85   ? 29  VAL A CG1 1 
ATOM   218 C CG2 . VAL A 1 32 ? -6.017  -2.256  -11.773 1.00 6.66   ? 29  VAL A CG2 1 
ATOM   219 N N   . GLU A 1 33 ? -4.665  -1.468  -7.547  1.00 7.52   ? 30  GLU A N   1 
ATOM   220 C CA  . GLU A 1 33 ? -4.579  -0.808  -6.255  1.00 7.86   ? 30  GLU A CA  1 
ATOM   221 C C   . GLU A 1 33 ? -3.127  -0.704  -5.797  1.00 8.21   ? 30  GLU A C   1 
ATOM   222 O O   . GLU A 1 33 ? -2.724  0.348   -5.248  1.00 7.74   ? 30  GLU A O   1 
ATOM   223 C CB  . GLU A 1 33 ? -5.439  -1.573  -5.239  1.00 8.20   ? 30  GLU A CB  1 
ATOM   224 C CG  . GLU A 1 33 ? -6.947  -1.549  -5.565  1.00 9.17   ? 30  GLU A CG  1 
ATOM   225 C CD  . GLU A 1 33 ? -7.319  -2.356  -6.785  1.00 10.07  ? 30  GLU A CD  1 
ATOM   226 O OE1 . GLU A 1 33 ? -6.714  -3.427  -7.013  1.00 8.09   ? 30  GLU A OE1 1 
ATOM   227 O OE2 . GLU A 1 33 ? -8.233  -1.926  -7.518  1.00 13.61  ? 30  GLU A OE2 1 
ATOM   228 N N   . ALA A 1 34 ? -2.340  -1.754  -6.041  1.00 7.36   ? 31  ALA A N   1 
ATOM   229 C CA  . ALA A 1 34 ? -0.901  -1.707  -5.719  1.00 7.54   ? 31  ALA A CA  1 
ATOM   230 C C   . ALA A 1 34 ? -0.179  -0.585  -6.460  1.00 7.02   ? 31  ALA A C   1 
ATOM   231 O O   . ALA A 1 34 ? 0.623   0.137   -5.845  1.00 7.58   ? 31  ALA A O   1 
ATOM   232 C CB  . ALA A 1 34 ? -0.241  -3.039  -5.974  1.00 7.50   ? 31  ALA A CB  1 
ATOM   233 N N   . ALA A 1 35 ? -0.489  -0.414  -7.757  1.00 7.36   ? 32  ALA A N   1 
ATOM   234 C CA  . ALA A 1 35 ? 0.133   0.687   -8.511  1.00 6.59   ? 32  ALA A CA  1 
ATOM   235 C C   . ALA A 1 35 ? -0.219  2.050   -7.890  1.00 6.55   ? 32  ALA A C   1 
ATOM   236 O O   . ALA A 1 35 ? 0.646   2.947   -7.816  1.00 7.34   ? 32  ALA A O   1 
ATOM   237 C CB  . ALA A 1 35 ? -0.327  0.640   -9.969  1.00 6.50   ? 32  ALA A CB  1 
ATOM   238 N N   . SER A 1 36 ? -1.484  2.189   -7.466  1.00 6.75   ? 33  SER A N   1 
ATOM   239 C CA  . SER A 1 36 ? -1.960  3.434   -6.894  1.00 8.07   ? 33  SER A CA  1 
ATOM   240 C C   . SER A 1 36 ? -1.284  3.703   -5.562  1.00 7.00   ? 33  SER A C   1 
ATOM   241 O O   . SER A 1 36 ? -0.883  4.839   -5.275  1.00 8.73   ? 33  SER A O   1 
ATOM   242 C CB  . SER A 1 36 ? -3.487  3.407   -6.743  1.00 9.54   ? 33  SER A CB  1 
ATOM   243 O OG  . SER A 1 36 ? -4.102  3.413   -8.022  1.00 14.39  ? 33  SER A OG  1 
ATOM   244 N N   . VAL A 1 37 ? -1.095  2.643   -4.783  1.00 6.46   ? 34  VAL A N   1 
ATOM   245 C CA  . VAL A 1 37 ? -0.463  2.818   -3.467  1.00 6.48   ? 34  VAL A CA  1 
ATOM   246 C C   . VAL A 1 37 ? 1.013   3.160   -3.706  1.00 7.05   ? 34  VAL A C   1 
ATOM   247 O O   . VAL A 1 37 ? 1.556   4.035   -3.026  1.00 6.79   ? 34  VAL A O   1 
ATOM   248 C CB  . VAL A 1 37 ? -0.618  1.550   -2.610  1.00 7.53   ? 34  VAL A CB  1 
ATOM   249 C CG1 . VAL A 1 37 ? 0.221   1.681   -1.328  1.00 8.71   ? 34  VAL A CG1 1 
ATOM   250 C CG2 . VAL A 1 37 ? -2.074  1.364   -2.256  1.00 7.09   ? 34  VAL A CG2 1 
ATOM   251 N N   . LEU A 1 38 ? 1.630   2.525   -4.705  1.00 6.56   ? 35  LEU A N   1 
ATOM   252 C CA  . LEU A 1 38 ? 3.037   2.828   -5.027  1.00 7.15   ? 35  LEU A CA  1 
ATOM   253 C C   . LEU A 1 38 ? 3.183   4.317   -5.348  1.00 7.78   ? 35  LEU A C   1 
ATOM   254 O O   . LEU A 1 38 ? 4.113   4.969   -4.861  1.00 7.79   ? 35  LEU A O   1 
ATOM   255 C CB  . LEU A 1 38 ? 3.568   1.975   -6.181  1.00 7.09   ? 35  LEU A CB  1 
ATOM   256 C CG  . LEU A 1 38 ? 5.041   2.270   -6.498  1.00 7.25   ? 35  LEU A CG  1 
ATOM   257 C CD1 . LEU A 1 38 ? 5.937   1.851   -5.328  1.00 12.27  ? 35  LEU A CD1 1 
ATOM   258 C CD2 . LEU A 1 38 ? 5.383   1.505   -7.752  1.00 11.48  ? 35  LEU A CD2 1 
ATOM   259 N N   . GLN A 1 39 ? 2.286   4.864   -6.176  1.00 8.14   ? 36  GLN A N   1 
ATOM   260 C CA  . GLN A 1 39 ? 2.332   6.297   -6.456  1.00 10.52  ? 36  GLN A CA  1 
ATOM   261 C C   . GLN A 1 39 ? 2.292   7.131   -5.159  1.00 9.58   ? 36  GLN A C   1 
ATOM   262 O O   . GLN A 1 39 ? 3.113   8.041   -4.959  1.00 11.35  ? 36  GLN A O   1 
ATOM   263 C CB  . GLN A 1 39 ? 1.143   6.637   -7.342  1.00 10.70  ? 36  GLN A CB  1 
ATOM   264 C CG  . GLN A 1 39 ? 1.047   8.066   -7.709  1.00 16.27  ? 36  GLN A CG  1 
ATOM   265 C CD  . GLN A 1 39 ? 2.175   8.474   -8.606  1.00 21.37  ? 36  GLN A CD  1 
ATOM   266 O OE1 . GLN A 1 39 ? 2.700   7.668   -9.404  1.00 28.16  ? 36  GLN A OE1 1 
ATOM   267 N NE2 . GLN A 1 39 ? 2.557   9.726   -8.505  1.00 23.19  ? 36  GLN A NE2 1 
ATOM   268 N N   . ALA A 1 40 ? 1.384   6.773   -4.268  1.00 11.92  ? 37  ALA A N   1 
ATOM   269 C CA  . ALA A 1 40 ? 1.169   7.532   -3.005  1.00 10.02  ? 37  ALA A CA  1 
ATOM   270 C C   . ALA A 1 40 ? 2.443   7.438   -2.144  1.00 9.39   ? 37  ALA A C   1 
ATOM   271 O O   . ALA A 1 40 ? 2.737   8.352   -1.382  1.00 8.70   ? 37  ALA A O   1 
ATOM   272 C CB  . ALA A 1 40 ? 0.011   6.941   -2.240  1.00 9.83   ? 37  ALA A CB  1 
ATOM   273 N N   . VAL A 1 41 ? 3.093   6.270   -2.156  1.00 7.49   ? 38  VAL A N   1 
ATOM   274 C CA  . VAL A 1 41 ? 4.371   6.073   -1.413  1.00 8.79   ? 38  VAL A CA  1 
ATOM   275 C C   . VAL A 1 41 ? 5.401   7.165   -1.762  1.00 9.36   ? 38  VAL A C   1 
ATOM   276 O O   . VAL A 1 41 ? 6.162   7.612   -0.899  1.00 9.81   ? 38  VAL A O   1 
ATOM   277 C CB  . VAL A 1 41 ? 4.996   4.637   -1.612  1.00 7.65   ? 38  VAL A CB  1 
ATOM   278 C CG1 . VAL A 1 41 ? 6.467   4.544   -1.060  1.00 8.55   ? 38  VAL A CG1 1 
ATOM   279 C CG2 . VAL A 1 41 ? 4.097   3.583   -0.929  1.00 10.05  ? 38  VAL A CG2 1 
ATOM   280 N N   . TYR A 1 42 ? 5.437   7.554   -3.032  1.00 10.23  ? 39  TYR A N   1 
ATOM   281 C CA  . TYR A 1 42 ? 6.392   8.575   -3.451  1.00 12.37  ? 39  TYR A CA  1 
ATOM   282 C C   . TYR A 1 42 ? 5.914   9.994   -3.187  1.00 13.20  ? 39  TYR A C   1 
ATOM   283 O O   . TYR A 1 42 ? 6.641   10.970  -3.477  1.00 14.51  ? 39  TYR A O   1 
ATOM   284 C CB  . TYR A 1 42 ? 6.772   8.378   -4.915  1.00 13.30  ? 39  TYR A CB  1 
ATOM   285 C CG  . TYR A 1 42 ? 7.742   7.243   -5.072  1.00 11.90  ? 39  TYR A CG  1 
ATOM   286 C CD1 . TYR A 1 42 ? 9.085   7.394   -4.728  1.00 11.35  ? 39  TYR A CD1 1 
ATOM   287 C CD2 . TYR A 1 42 ? 7.308   6.003   -5.514  1.00 10.84  ? 39  TYR A CD2 1 
ATOM   288 C CE1 . TYR A 1 42 ? 9.980   6.353   -4.854  1.00 14.76  ? 39  TYR A CE1 1 
ATOM   289 C CE2 . TYR A 1 42 ? 8.185   4.944   -5.660  1.00 12.65  ? 39  TYR A CE2 1 
ATOM   290 C CZ  . TYR A 1 42 ? 9.531   5.125   -5.334  1.00 14.16  ? 39  TYR A CZ  1 
ATOM   291 O OH  . TYR A 1 42 ? 10.393  4.057   -5.454  1.00 15.06  ? 39  TYR A OH  1 
ATOM   292 N N   . GLU A 1 43 ? 4.729   10.130  -2.609  1.00 12.99  ? 40  GLU A N   1 
ATOM   293 C CA  . GLU A 1 43 ? 4.157   11.470  -2.397  1.00 12.46  ? 40  GLU A CA  1 
ATOM   294 C C   . GLU A 1 43 ? 4.234   11.951  -0.970  1.00 12.40  ? 40  GLU A C   1 
ATOM   295 O O   . GLU A 1 43 ? 3.865   13.107  -0.681  1.00 12.93  ? 40  GLU A O   1 
ATOM   296 C CB  . GLU A 1 43 ? 2.721   11.521  -2.927  1.00 13.93  ? 40  GLU A CB  1 
ATOM   297 C CG  . GLU A 1 43 ? 2.683   11.418  -4.447  1.00 16.67  ? 40  GLU A CG  1 
ATOM   298 C CD  . GLU A 1 43 ? 1.281   11.209  -5.001  1.00 22.40  ? 40  GLU A CD  1 
ATOM   299 O OE1 . GLU A 1 43 ? 0.340   11.002  -4.195  1.00 22.97  ? 40  GLU A OE1 1 
ATOM   300 O OE2 . GLU A 1 43 ? 1.137   11.233  -6.250  1.00 24.20  ? 40  GLU A OE2 1 
ATOM   301 N N   . THR A 1 44 ? 4.708   11.081  -0.083  1.00 11.10  ? 41  THR A N   1 
ATOM   302 C CA  . THR A 1 44 ? 4.797   11.387  1.342   1.00 10.98  ? 41  THR A CA  1 
ATOM   303 C C   . THR A 1 44 ? 5.920   10.638  2.049   1.00 11.11  ? 41  THR A C   1 
ATOM   304 O O   . THR A 1 44 ? 6.468   9.662   1.503   1.00 11.93  ? 41  THR A O   1 
ATOM   305 C CB  . THR A 1 44 ? 3.451   11.081  2.013   1.00 10.72  ? 41  THR A CB  1 
ATOM   306 O OG1 . THR A 1 44 ? 3.409   11.673  3.326   1.00 11.16  ? 41  THR A OG1 1 
ATOM   307 C CG2 . THR A 1 44 ? 3.176   9.548   2.080   1.00 12.69  ? 41  THR A CG2 1 
ATOM   308 N N   . GLU A 1 45 ? 6.268   11.087  3.252   1.00 10.92  ? 42  GLU A N   1 
ATOM   309 C CA  . GLU A 1 45 ? 7.107   10.290  4.163   1.00 11.40  ? 42  GLU A CA  1 
ATOM   310 C C   . GLU A 1 45 ? 6.346   9.947   5.449   1.00 10.29  ? 42  GLU A C   1 
ATOM   311 O O   . GLU A 1 45 ? 6.918   9.387   6.384   1.00 12.00  ? 42  GLU A O   1 
ATOM   312 C CB  . GLU A 1 45 ? 8.378   11.063  4.551   1.00 12.22  ? 42  GLU A CB  1 
ATOM   313 C CG  . GLU A 1 45 ? 9.200   11.683  3.403   1.00 14.24  ? 42  GLU A CG  1 
ATOM   314 C CD  . GLU A 1 45 ? 9.742   10.701  2.378   1.00 21.42  ? 42  GLU A CD  1 
ATOM   315 O OE1 . GLU A 1 45 ? 9.932   9.516   2.697   1.00 21.07  ? 42  GLU A OE1 1 
ATOM   316 O OE2 . GLU A 1 45 ? 9.993   11.150  1.231   1.00 25.16  ? 42  GLU A OE2 1 
ATOM   317 N N   . ASP A 1 46 ? 5.060   10.287  5.473   1.00 11.61  ? 43  ASP A N   1 
ATOM   318 C CA  . ASP A 1 46 ? 4.254   10.221  6.686   1.00 10.96  ? 43  ASP A CA  1 
ATOM   319 C C   . ASP A 1 46 ? 3.282   9.024   6.650   1.00 11.55  ? 43  ASP A C   1 
ATOM   320 O O   . ASP A 1 46 ? 2.439   8.954   5.754   1.00 10.63  ? 43  ASP A O   1 
ATOM   321 C CB  . ASP A 1 46 ? 3.443   11.502  6.843   1.00 12.52  ? 43  ASP A CB  1 
ATOM   322 C CG  . ASP A 1 46 ? 2.589   11.497  8.107   1.00 12.47  ? 43  ASP A CG  1 
ATOM   323 O OD1 . ASP A 1 46 ? 3.119   11.370  9.230   1.00 14.66  ? 43  ASP A OD1 1 
ATOM   324 O OD2 . ASP A 1 46 ? 1.374   11.642  7.946   1.00 13.42  ? 43  ASP A OD2 1 
ATOM   325 N N   . ALA A 1 47 ? 3.417   8.134   7.622   1.00 10.48  ? 44  ALA A N   1 
ATOM   326 C CA  . ALA A 1 47 ? 2.579   6.942   7.640   1.00 10.09  ? 44  ALA A CA  1 
ATOM   327 C C   . ALA A 1 47 ? 1.080   7.321   7.697   1.00 10.59  ? 44  ALA A C   1 
ATOM   328 O O   . ALA A 1 47 ? 0.249   6.666   7.037   1.00 9.85   ? 44  ALA A O   1 
ATOM   329 C CB  . ALA A 1 47 ? 2.965   6.029   8.765   1.00 10.32  ? 44  ALA A CB  1 
ATOM   330 N N   . ARG A 1 48 ? 0.694   8.319   8.503   1.00 10.28  ? 45  ARG A N   1 
ATOM   331 C CA  . ARG A 1 48 ? -0.740  8.694   8.568   1.00 11.49  ? 45  ARG A CA  1 
ATOM   332 C C   . ARG A 1 48 ? -1.311  9.105   7.219   1.00 11.92  ? 45  ARG A C   1 
ATOM   333 O O   . ARG A 1 48 ? -2.416  8.700   6.846   1.00 11.74  ? 45  ARG A O   1 
ATOM   334 C CB  . ARG A 1 48 ? -1.007  9.816   9.604   1.00 10.47  ? 45  ARG A CB  1 
ATOM   335 C CG  . ARG A 1 48 ? -0.927  9.383   11.054  1.00 15.12  ? 45  ARG A CG  1 
ATOM   336 C CD  . ARG A 1 48 ? -0.908  10.603  12.017  1.00 13.76  ? 45  ARG A CD  1 
ATOM   337 N NE  . ARG A 1 48 ? -0.525  10.195  13.381  1.00 19.16  ? 45  ARG A NE  1 
ATOM   338 C CZ  . ARG A 1 48 ? -1.207  10.505  14.477  1.00 18.21  ? 45  ARG A CZ  1 
ATOM   339 N NH1 . ARG A 1 48 ? -2.290  11.253  14.362  1.00 16.51  ? 45  ARG A NH1 1 
ATOM   340 N NH2 . ARG A 1 48 ? -0.779  10.094  15.680  1.00 16.25  ? 45  ARG A NH2 1 
ATOM   341 N N   . THR A 1 49 ? -0.556  9.941   6.511   1.00 11.32  ? 46  THR A N   1 
ATOM   342 C CA  . THR A 1 49 ? -0.939  10.445  5.206   1.00 10.87  ? 46  THR A CA  1 
ATOM   343 C C   . THR A 1 49 ? -1.080  9.267   4.232   1.00 10.60  ? 46  THR A C   1 
ATOM   344 O O   . THR A 1 49 ? -2.085  9.145   3.536   1.00 11.03  ? 46  THR A O   1 
ATOM   345 C CB  . THR A 1 49 ? 0.085   11.474  4.680   1.00 12.08  ? 46  THR A CB  1 
ATOM   346 O OG1 . THR A 1 49 ? 0.161   12.586  5.607   1.00 13.56  ? 46  THR A OG1 1 
ATOM   347 C CG2 . THR A 1 49 ? -0.338  11.984  3.321   1.00 13.28  ? 46  THR A CG2 1 
ATOM   348 N N   . LEU A 1 50 ? -0.075  8.395   4.220   1.00 8.97   ? 47  LEU A N   1 
ATOM   349 C CA  . LEU A 1 50 ? -0.095  7.239   3.316   1.00 8.82   ? 47  LEU A CA  1 
ATOM   350 C C   . LEU A 1 50 ? -1.244  6.297   3.654   1.00 9.90   ? 47  LEU A C   1 
ATOM   351 O O   . LEU A 1 50 ? -1.904  5.772   2.748   1.00 9.36   ? 47  LEU A O   1 
ATOM   352 C CB  . LEU A 1 50 ? 1.245   6.495   3.332   1.00 8.65   ? 47  LEU A CB  1 
ATOM   353 C CG  . LEU A 1 50 ? 1.356   5.232   2.466   1.00 7.06   ? 47  LEU A CG  1 
ATOM   354 C CD1 . LEU A 1 50 ? 0.999   5.510   1.014   1.00 7.98   ? 47  LEU A CD1 1 
ATOM   355 C CD2 . LEU A 1 50 ? 2.770   4.614   2.601   1.00 8.36   ? 47  LEU A CD2 1 
ATOM   356 N N   . ALA A 1 51 ? -1.461  6.080   4.951   1.00 9.06   ? 48  ALA A N   1 
ATOM   357 C CA  . ALA A 1 51 ? -2.521  5.169   5.397   1.00 9.62   ? 48  ALA A CA  1 
ATOM   358 C C   . ALA A 1 51 ? -3.880  5.663   4.902   1.00 9.21   ? 48  ALA A C   1 
ATOM   359 O O   . ALA A 1 51 ? -4.743  4.863   4.485   1.00 9.60   ? 48  ALA A O   1 
ATOM   360 C CB  . ALA A 1 51 ? -2.525  5.033   6.920   1.00 10.35  ? 48  ALA A CB  1 
ATOM   361 N N   . ALA A 1 52 ? -4.105  6.985   4.950   1.00 9.38   ? 49  ALA A N   1 
ATOM   362 C CA  . ALA A 1 52 ? -5.371  7.534   4.478   1.00 10.15  ? 49  ALA A CA  1 
ATOM   363 C C   . ALA A 1 52 ? -5.532  7.333   2.959   1.00 10.41  ? 49  ALA A C   1 
ATOM   364 O O   . ALA A 1 52 ? -6.620  7.009   2.498   1.00 11.34  ? 49  ALA A O   1 
ATOM   365 C CB  . ALA A 1 52 ? -5.495  8.986   4.860   1.00 11.05  ? 49  ALA A CB  1 
ATOM   366 N N   . ARG A 1 53 ? -4.430  7.451   2.202   1.00 8.69   ? 50  ARG A N   1 
ATOM   367 C CA  . ARG A 1 53 ? -4.495  7.160   0.762   1.00 9.64   ? 50  ARG A CA  1 
ATOM   368 C C   . ARG A 1 53 ? -4.840  5.680   0.506   1.00 9.63   ? 50  ARG A C   1 
ATOM   369 O O   . ARG A 1 53 ? -5.702  5.370   -0.329  1.00 9.45   ? 50  ARG A O   1 
ATOM   370 C CB  . ARG A 1 53 ? -3.206  7.542   0.010   1.00 9.57   ? 50  ARG A CB  1 
ATOM   371 C CG  . ARG A 1 53 ? -2.955  9.058   -0.135  1.00 13.78  ? 50  ARG A CG  1 
ATOM   372 C CD  . ARG A 1 53 ? -3.947  9.747   -1.125  1.00 16.10  ? 50  ARG A CD  1 
ATOM   373 N NE  . ARG A 1 53 ? -3.882  9.126   -2.447  1.00 21.42  ? 50  ARG A NE  1 
ATOM   374 C CZ  . ARG A 1 53 ? -4.904  8.515   -3.044  1.00 23.01  ? 50  ARG A CZ  1 
ATOM   375 N NH1 . ARG A 1 53 ? -4.744  7.960   -4.231  1.00 22.60  ? 50  ARG A NH1 1 
ATOM   376 N NH2 . ARG A 1 53 ? -6.102  8.473   -2.462  1.00 24.66  ? 50  ARG A NH2 1 
ATOM   377 N N   . ILE A 1 54 ? -4.154  4.788   1.219   1.00 7.82   ? 51  ILE A N   1 
ATOM   378 C CA  . ILE A 1 54 ? -4.422  3.343   1.138   1.00 7.15   ? 51  ILE A CA  1 
ATOM   379 C C   . ILE A 1 54 ? -5.893  3.075   1.402   1.00 8.27   ? 51  ILE A C   1 
ATOM   380 O O   . ILE A 1 54 ? -6.567  2.349   0.635   1.00 8.16   ? 51  ILE A O   1 
ATOM   381 C CB  . ILE A 1 54 ? -3.516  2.511   2.094   1.00 7.28   ? 51  ILE A CB  1 
ATOM   382 C CG1 . ILE A 1 54 ? -2.059  2.595   1.612   1.00 6.77   ? 51  ILE A CG1 1 
ATOM   383 C CG2 . ILE A 1 54 ? -3.990  1.047   2.138   1.00 7.82   ? 51  ILE A CG2 1 
ATOM   384 C CD1 . ILE A 1 54 ? -1.022  2.051   2.616   1.00 8.40   ? 51  ILE A CD1 1 
ATOM   385 N N   . GLN A 1 55 ? -6.423  3.679   2.472   1.00 7.94   ? 52  GLN A N   1 
ATOM   386 C CA  . GLN A 1 55 ? -7.811  3.434   2.826   1.00 9.24   ? 52  GLN A CA  1 
ATOM   387 C C   . GLN A 1 55 ? -8.728  3.866   1.676   1.00 9.30   ? 52  GLN A C   1 
ATOM   388 O O   . GLN A 1 55 ? -9.613  3.102   1.272   1.00 10.54  ? 52  GLN A O   1 
ATOM   389 C CB  . GLN A 1 55 ? -8.164  4.175   4.125   1.00 10.07  ? 52  GLN A CB  1 
ATOM   390 C CG  . GLN A 1 55 ? -9.549  3.803   4.665   1.00 10.75  ? 52  GLN A CG  1 
ATOM   391 C CD  . GLN A 1 55 ? -9.853  4.543   5.936   1.00 12.06  ? 52  GLN A CD  1 
ATOM   392 O OE1 . GLN A 1 55 ? -9.753  5.761   5.983   1.00 16.69  ? 52  GLN A OE1 1 
ATOM   393 N NE2 . GLN A 1 55 ? -10.191 3.800   6.985   1.00 11.75  ? 52  GLN A NE2 1 
ATOM   394 N N   . SER A 1 56 ? -8.501  5.052   1.120   1.00 9.42   ? 53  SER A N   1 
ATOM   395 C CA  . SER A 1 56 ? -9.352  5.569   0.028   1.00 10.24  ? 53  SER A CA  1 
ATOM   396 C C   . SER A 1 56 ? -9.291  4.717   -1.232  1.00 9.76   ? 53  SER A C   1 
ATOM   397 O O   . SER A 1 56 ? -10.331 4.430   -1.874  1.00 10.56  ? 53  SER A O   1 
ATOM   398 C CB  . SER A 1 56 ? -8.999  7.029   -0.282  1.00 11.23  ? 53  SER A CB  1 
ATOM   399 O OG  . SER A 1 56 ? -9.159  7.829   0.884   1.00 16.11  ? 53  SER A OG  1 
ATOM   400 N N   . ILE A 1 57 ? -8.065  4.321   -1.592  1.00 9.60   ? 54  ILE A N   1 
ATOM   401 C CA  . ILE A 1 57 ? -7.811  3.468   -2.766  1.00 9.15   ? 54  ILE A CA  1 
ATOM   402 C C   . ILE A 1 57 ? -8.627  2.170   -2.655  1.00 9.05   ? 54  ILE A C   1 
ATOM   403 O O   . ILE A 1 57 ? -9.308  1.744   -3.610  1.00 10.33  ? 54  ILE A O   1 
ATOM   404 C CB  . ILE A 1 57 ? -6.271  3.176   -2.927  1.00 8.83   ? 54  ILE A CB  1 
ATOM   405 C CG1 . ILE A 1 57 ? -5.542  4.445   -3.403  1.00 9.22   ? 54  ILE A CG1 1 
ATOM   406 C CG2 . ILE A 1 57 ? -6.070  1.999   -3.895  1.00 9.38   ? 54  ILE A CG2 1 
ATOM   407 C CD1 . ILE A 1 57 ? -4.050  4.425   -3.208  1.00 10.15  ? 54  ILE A CD1 1 
ATOM   408 N N   . TYR A 1 58 ? -8.564  1.541   -1.482  1.00 8.04   ? 55  TYR A N   1 
ATOM   409 C CA  . TYR A 1 58 ? -9.203  0.232   -1.311  1.00 8.30   ? 55  TYR A CA  1 
ATOM   410 C C   . TYR A 1 58 ? -10.693 0.385   -1.088  1.00 9.62   ? 55  TYR A C   1 
ATOM   411 O O   . TYR A 1 58 ? -11.447 -0.493  -1.521  1.00 9.77   ? 55  TYR A O   1 
ATOM   412 C CB  . TYR A 1 58 ? -8.531  -0.591  -0.183  1.00 8.32   ? 55  TYR A CB  1 
ATOM   413 C CG  . TYR A 1 58 ? -7.294  -1.304  -0.649  1.00 7.39   ? 55  TYR A CG  1 
ATOM   414 C CD1 . TYR A 1 58 ? -6.108  -0.600  -0.919  1.00 7.44   ? 55  TYR A CD1 1 
ATOM   415 C CD2 . TYR A 1 58 ? -7.281  -2.683  -0.802  1.00 8.55   ? 55  TYR A CD2 1 
ATOM   416 C CE1 . TYR A 1 58 ? -4.974  -1.257  -1.376  1.00 7.60   ? 55  TYR A CE1 1 
ATOM   417 C CE2 . TYR A 1 58 ? -6.131  -3.361  -1.233  1.00 6.54   ? 55  TYR A CE2 1 
ATOM   418 C CZ  . TYR A 1 58 ? -4.969  -2.628  -1.525  1.00 5.86   ? 55  TYR A CZ  1 
ATOM   419 O OH  . TYR A 1 58 ? -3.824  -3.266  -1.983  1.00 9.24   ? 55  TYR A OH  1 
ATOM   420 N N   . GLU A 1 59 ? -11.120 1.491   -0.470  1.00 10.88  ? 56  GLU A N   1 
ATOM   421 C CA  . GLU A 1 59 ? -12.564 1.729   -0.346  1.00 12.75  ? 56  GLU A CA  1 
ATOM   422 C C   . GLU A 1 59 ? -13.193 1.951   -1.739  1.00 12.60  ? 56  GLU A C   1 
ATOM   423 O O   . GLU A 1 59 ? -14.284 1.442   -2.013  1.00 13.88  ? 56  GLU A O   1 
ATOM   424 C CB  . GLU A 1 59 ? -12.877 2.895   0.571   1.00 13.80  ? 56  GLU A CB  1 
ATOM   425 C CG  . GLU A 1 59 ? -14.371 2.989   0.802   1.00 18.33  ? 56  GLU A CG  1 
ATOM   426 C CD  . GLU A 1 59 ? -14.749 4.052   1.794   1.00 24.45  ? 56  GLU A CD  1 
ATOM   427 O OE1 . GLU A 1 59 ? -13.850 4.793   2.268   1.00 27.45  ? 56  GLU A OE1 1 
ATOM   428 O OE2 . GLU A 1 59 ? -15.964 4.149   2.097   1.00 28.94  ? 56  GLU A OE2 1 
ATOM   429 N N   . PHE A 1 60 ? -12.516 2.698   -2.616  1.00 12.82  ? 57  PHE A N   1 
ATOM   430 C CA  . PHE A 1 60 ? -13.040 2.862   -3.976  1.00 13.44  ? 57  PHE A CA  1 
ATOM   431 C C   . PHE A 1 60 ? -13.137 1.497   -4.652  1.00 12.85  ? 57  PHE A C   1 
ATOM   432 O O   . PHE A 1 60 ? -14.154 1.183   -5.316  1.00 13.11  ? 57  PHE A O   1 
ATOM   433 C CB  . PHE A 1 60 ? -12.189 3.760   -4.867  1.00 14.54  ? 57  PHE A CB  1 
ATOM   434 C CG  . PHE A 1 60 ? -12.662 3.778   -6.292  1.00 15.26  ? 57  PHE A CG  1 
ATOM   435 C CD1 . PHE A 1 60 ? -13.831 4.454   -6.621  1.00 17.25  ? 57  PHE A CD1 1 
ATOM   436 C CD2 . PHE A 1 60 ? -11.995 3.071   -7.285  1.00 16.97  ? 57  PHE A CD2 1 
ATOM   437 C CE1 . PHE A 1 60 ? -14.317 4.466   -7.941  1.00 18.58  ? 57  PHE A CE1 1 
ATOM   438 C CE2 . PHE A 1 60 ? -12.469 3.076   -8.622  1.00 17.16  ? 57  PHE A CE2 1 
ATOM   439 C CZ  . PHE A 1 60 ? -13.634 3.778   -8.932  1.00 18.93  ? 57  PHE A CZ  1 
ATOM   440 N N   . ALA A 1 61 ? -12.071 0.711   -4.517  1.00 10.71  ? 58  ALA A N   1 
ATOM   441 C CA  . ALA A 1 61 ? -11.945 -0.537  -5.271  1.00 9.98   ? 58  ALA A CA  1 
ATOM   442 C C   . ALA A 1 61 ? -12.970 -1.580  -4.861  1.00 10.29  ? 58  ALA A C   1 
ATOM   443 O O   . ALA A 1 61 ? -13.408 -2.353  -5.694  1.00 10.29  ? 58  ALA A O   1 
ATOM   444 C CB  . ALA A 1 61 ? -10.546 -1.135  -5.146  1.00 9.74   ? 58  ALA A CB  1 
ATOM   445 N N   . PHE A 1 62 ? -13.272 -1.628  -3.565  1.00 11.28  ? 59  PHE A N   1 
ATOM   446 C CA  . PHE A 1 62 ? -14.044 -2.744  -3.001  1.00 11.92  ? 59  PHE A CA  1 
ATOM   447 C C   . PHE A 1 62 ? -15.339 -2.372  -2.322  1.00 13.69  ? 59  PHE A C   1 
ATOM   448 O O   . PHE A 1 62 ? -16.078 -3.254  -1.903  1.00 13.55  ? 59  PHE A O   1 
ATOM   449 C CB  . PHE A 1 62 ? -13.177 -3.567  -2.034  1.00 11.87  ? 59  PHE A CB  1 
ATOM   450 C CG  . PHE A 1 62 ? -12.025 -4.265  -2.718  1.00 9.64   ? 59  PHE A CG  1 
ATOM   451 C CD1 . PHE A 1 62 ? -12.232 -5.380  -3.501  1.00 10.66  ? 59  PHE A CD1 1 
ATOM   452 C CD2 . PHE A 1 62 ? -10.734 -3.737  -2.648  1.00 9.88   ? 59  PHE A CD2 1 
ATOM   453 C CE1 . PHE A 1 62 ? -11.156 -6.002  -4.160  1.00 8.37   ? 59  PHE A CE1 1 
ATOM   454 C CE2 . PHE A 1 62 ? -9.656  -4.374  -3.268  1.00 12.40  ? 59  PHE A CE2 1 
ATOM   455 C CZ  . PHE A 1 62 ? -9.867  -5.480  -4.058  1.00 9.01   ? 59  PHE A CZ  1 
ATOM   456 N N   . ASP A 1 63 ? -15.630 -1.077  -2.254  1.00 15.31  ? 60  ASP A N   1 
ATOM   457 C CA  . ASP A 1 63 ? -16.856 -0.571  -1.613  1.00 18.72  ? 60  ASP A CA  1 
ATOM   458 C C   . ASP A 1 63 ? -16.951 -1.083  -0.176  1.00 20.13  ? 60  ASP A C   1 
ATOM   459 O O   . ASP A 1 63 ? -17.976 -1.591  0.271   1.00 22.30  ? 60  ASP A O   1 
ATOM   460 C CB  . ASP A 1 63 ? -18.090 -0.891  -2.477  1.00 19.11  ? 60  ASP A CB  1 
ATOM   461 C CG  . ASP A 1 63 ? -18.100 -0.089  -3.786  1.00 21.51  ? 60  ASP A CG  1 
ATOM   462 O OD1 . ASP A 1 63 ? -17.810 1.123   -3.750  1.00 26.58  ? 60  ASP A OD1 1 
ATOM   463 O OD2 . ASP A 1 63 ? -18.413 -0.648  -4.858  1.00 25.99  ? 60  ASP A OD2 1 
ATOM   464 N N   . GLU A 1 64 ? -15.820 -0.975  0.509   1.00 21.38  ? 61  GLU A N   1 
ATOM   465 C CA  . GLU A 1 64 ? -15.640 -1.434  1.882   1.00 23.63  ? 61  GLU A CA  1 
ATOM   466 C C   . GLU A 1 64 ? -14.480 -0.650  2.480   1.00 22.78  ? 61  GLU A C   1 
ATOM   467 O O   . GLU A 1 64 ? -13.401 -0.618  1.895   1.00 23.54  ? 61  GLU A O   1 
ATOM   468 C CB  . GLU A 1 64 ? -15.287 -2.918  1.892   1.00 23.82  ? 61  GLU A CB  1 
ATOM   469 C CG  . GLU A 1 64 ? -16.485 -3.832  1.979   1.00 28.94  ? 61  GLU A CG  1 
ATOM   470 C CD  . GLU A 1 64 ? -16.116 -5.263  1.713   1.00 32.30  ? 61  GLU A CD  1 
ATOM   471 O OE1 . GLU A 1 64 ? -14.907 -5.570  1.741   1.00 37.14  ? 61  GLU A OE1 1 
ATOM   472 O OE2 . GLU A 1 64 ? -17.015 -6.086  1.467   1.00 34.67  ? 61  GLU A OE2 1 
ATOM   473 N N   . PRO A 1 65 ? -14.696 -0.002  3.638   1.00 22.40  ? 62  PRO A N   1 
ATOM   474 C CA  . PRO A 1 65 ? -13.595 0.711   4.282   1.00 21.82  ? 62  PRO A CA  1 
ATOM   475 C C   . PRO A 1 65 ? -12.758 -0.230  5.164   1.00 20.07  ? 62  PRO A C   1 
ATOM   476 O O   . PRO A 1 65 ? -13.291 -0.847  6.104   1.00 21.73  ? 62  PRO A O   1 
ATOM   477 C CB  . PRO A 1 65 ? -14.324 1.768   5.125   1.00 22.46  ? 62  PRO A CB  1 
ATOM   478 C CG  . PRO A 1 65 ? -15.595 1.052   5.547   1.00 22.31  ? 62  PRO A CG  1 
ATOM   479 C CD  . PRO A 1 65 ? -15.969 0.146   4.375   1.00 22.72  ? 62  PRO A CD  1 
ATOM   480 N N   . ILE A 1 66 ? -11.479 -0.380  4.843   1.00 16.90  ? 63  ILE A N   1 
ATOM   481 C CA  . ILE A 1 66 ? -10.582 -1.167  5.665   1.00 14.88  ? 63  ILE A CA  1 
ATOM   482 C C   . ILE A 1 66 ? -10.302 -0.299  6.896   1.00 13.81  ? 63  ILE A C   1 
ATOM   483 O O   . ILE A 1 66 ? -10.036 0.901   6.759   1.00 13.97  ? 63  ILE A O   1 
ATOM   484 C CB  . ILE A 1 66 ? -9.265  -1.541  4.925   1.00 14.45  ? 63  ILE A CB  1 
ATOM   485 C CG1 . ILE A 1 66 ? -9.567  -2.435  3.716   1.00 13.95  ? 63  ILE A CG1 1 
ATOM   486 C CG2 . ILE A 1 66 ? -8.279  -2.180  5.866   1.00 14.74  ? 63  ILE A CG2 1 
ATOM   487 C CD1 . ILE A 1 66 ? -8.368  -2.844  2.882   1.00 15.84  ? 63  ILE A CD1 1 
ATOM   488 N N   . PRO A 1 67 ? -10.376 -0.888  8.090   1.00 12.05  ? 64  PRO A N   1 
ATOM   489 C CA  . PRO A 1 67 ? -10.071 -0.124  9.311   1.00 11.71  ? 64  PRO A CA  1 
ATOM   490 C C   . PRO A 1 67 ? -8.760  0.649   9.175   1.00 11.22  ? 64  PRO A C   1 
ATOM   491 O O   . PRO A 1 67 ? -7.748  0.082   8.746   1.00 10.08  ? 64  PRO A O   1 
ATOM   492 C CB  . PRO A 1 67 ? -9.928  -1.205  10.354  1.00 11.01  ? 64  PRO A CB  1 
ATOM   493 C CG  . PRO A 1 67 ? -10.936 -2.227  9.903   1.00 11.54  ? 64  PRO A CG  1 
ATOM   494 C CD  . PRO A 1 67 ? -10.712 -2.284  8.408   1.00 13.03  ? 64  PRO A CD  1 
ATOM   495 N N   . PHE A 1 68 ? -8.797  1.921   9.560   1.00 11.00  ? 65  PHE A N   1 
ATOM   496 C CA  . PHE A 1 68 ? -7.614  2.763   9.492   1.00 11.26  ? 65  PHE A CA  1 
ATOM   497 C C   . PHE A 1 68 ? -6.357  2.113   10.088  1.00 10.44  ? 65  PHE A C   1 
ATOM   498 O O   . PHE A 1 68 ? -5.290  2.183   9.465   1.00 9.13   ? 65  PHE A O   1 
ATOM   499 C CB  . PHE A 1 68 ? -7.859  4.162   10.092  1.00 11.72  ? 65  PHE A CB  1 
ATOM   500 C CG  . PHE A 1 68 ? -6.723  5.125   9.846   1.00 12.22  ? 65  PHE A CG  1 
ATOM   501 C CD1 . PHE A 1 68 ? -6.678  5.861   8.678   1.00 16.32  ? 65  PHE A CD1 1 
ATOM   502 C CD2 . PHE A 1 68 ? -5.680  5.248   10.782  1.00 14.79  ? 65  PHE A CD2 1 
ATOM   503 C CE1 . PHE A 1 68 ? -5.619  6.752   8.432   1.00 16.43  ? 65  PHE A CE1 1 
ATOM   504 C CE2 . PHE A 1 68 ? -4.624  6.121   10.546  1.00 13.78  ? 65  PHE A CE2 1 
ATOM   505 C CZ  . PHE A 1 68 ? -4.601  6.872   9.364   1.00 14.13  ? 65  PHE A CZ  1 
ATOM   506 N N   . PRO A 1 69 ? -6.427  1.551   11.311  1.00 9.83   ? 66  PRO A N   1 
ATOM   507 C CA  . PRO A 1 69 ? -5.177  0.987   11.874  1.00 10.54  ? 66  PRO A CA  1 
ATOM   508 C C   . PRO A 1 69 ? -4.573  -0.157  11.040  1.00 10.42  ? 66  PRO A C   1 
ATOM   509 O O   . PRO A 1 69 ? -3.365  -0.335  11.052  1.00 11.51  ? 66  PRO A O   1 
ATOM   510 C CB  . PRO A 1 69 ? -5.596  0.501   13.259  1.00 11.60  ? 66  PRO A CB  1 
ATOM   511 C CG  . PRO A 1 69 ? -6.855  1.381   13.602  1.00 9.71   ? 66  PRO A CG  1 
ATOM   512 C CD  . PRO A 1 69 ? -7.554  1.469   12.263  1.00 10.29  ? 66  PRO A CD  1 
ATOM   513 N N   . HIS A 1 70 ? -5.407  -0.916  10.327  1.00 10.52  ? 67  HIS A N   1 
ATOM   514 C CA  . HIS A 1 70 ? -4.892  -1.931  9.392   1.00 10.01  ? 67  HIS A CA  1 
ATOM   515 C C   . HIS A 1 70 ? -4.115  -1.233  8.244   1.00 9.06   ? 67  HIS A C   1 
ATOM   516 O O   . HIS A 1 70 ? -3.022  -1.666  7.912   1.00 7.88   ? 67  HIS A O   1 
ATOM   517 C CB  . HIS A 1 70 ? -6.030  -2.807  8.836   1.00 11.51  ? 67  HIS A CB  1 
ATOM   518 C CG  . HIS A 1 70 ? -5.560  -4.119  8.307   1.00 14.77  ? 67  HIS A CG  1 
ATOM   519 N ND1 . HIS A 1 70 ? -5.077  -5.113  9.128   1.00 17.48  ? 67  HIS A ND1 1 
ATOM   520 C CD2 . HIS A 1 70 ? -5.525  -4.618  7.050   1.00 16.27  ? 67  HIS A CD2 1 
ATOM   521 C CE1 . HIS A 1 70 ? -4.750  -6.162  8.399   1.00 16.71  ? 67  HIS A CE1 1 
ATOM   522 N NE2 . HIS A 1 70 ? -4.995  -5.882  7.134   1.00 14.66  ? 67  HIS A NE2 1 
ATOM   523 N N   . CYS A 1 71 ? -4.715  -0.204  7.635   1.00 8.90   ? 68  CYS A N   1 
ATOM   524 C CA  . CYS A 1 71 ? -4.017  0.648   6.642   1.00 8.34   ? 68  CYS A CA  1 
ATOM   525 C C   . CYS A 1 71 ? -2.705  1.213   7.199   1.00 9.81   ? 68  CYS A C   1 
ATOM   526 O O   . CYS A 1 71 ? -1.693  1.231   6.497   1.00 8.98   ? 68  CYS A O   1 
ATOM   527 C CB  . CYS A 1 71 ? -4.921  1.765   6.174   1.00 10.05  ? 68  CYS A CB  1 
ATOM   528 S SG  . CYS A 1 71 ? -6.432  1.105   5.365   1.00 10.82  ? 68  CYS A SG  1 
ATOM   529 N N   . LEU A 1 72 ? -2.733  1.681   8.450   1.00 9.49   ? 69  LEU A N   1 
ATOM   530 C CA  . LEU A 1 72 ? -1.543  2.302   9.045   1.00 9.81   ? 69  LEU A CA  1 
ATOM   531 C C   . LEU A 1 72 ? -0.366  1.331   9.197   1.00 9.85   ? 69  LEU A C   1 
ATOM   532 O O   . LEU A 1 72 ? 0.767   1.733   8.942   1.00 10.20  ? 69  LEU A O   1 
ATOM   533 C CB  . LEU A 1 72 ? -1.901  2.961   10.388  1.00 10.19  ? 69  LEU A CB  1 
ATOM   534 C CG  . LEU A 1 72 ? -0.823  3.780   11.070  1.00 10.49  ? 69  LEU A CG  1 
ATOM   535 C CD1 . LEU A 1 72 ? -0.384  4.958   10.219  1.00 12.66  ? 69  LEU A CD1 1 
ATOM   536 C CD2 . LEU A 1 72 ? -1.398  4.247   12.394  1.00 11.24  ? 69  LEU A CD2 1 
ATOM   537 N N   . LYS A 1 73 ? -0.613  0.066   9.588   1.00 9.72   ? 70  LYS A N   1 
ATOM   538 C CA  . LYS A 1 73 ? 0.470   -0.916  9.661   1.00 10.86  ? 70  LYS A CA  1 
ATOM   539 C C   . LYS A 1 73 ? 1.112   -1.098  8.298   1.00 10.08  ? 70  LYS A C   1 
ATOM   540 O O   . LYS A 1 73 ? 2.341   -1.104  8.171   1.00 10.02  ? 70  LYS A O   1 
ATOM   541 C CB  . LYS A 1 73 ? 0.008   -2.267  10.227  1.00 10.96  ? 70  LYS A CB  1 
ATOM   542 C CG  . LYS A 1 73 ? -0.101  -2.287  11.728  1.00 13.23  ? 70  LYS A CG  1 
ATOM   543 C CD  . LYS A 1 73 ? -0.637  -3.653  12.183  1.00 13.99  ? 70  LYS A CD  1 
ATOM   544 C CE  . LYS A 1 73 ? -0.998  -3.617  13.673  1.00 13.49  ? 70  LYS A CE  1 
ATOM   545 N NZ  . LYS A 1 73 ? -1.418  -4.998  14.096  1.00 13.34  ? 70  LYS A NZ  1 
ATOM   546 N N   . LEU A 1 74 ? 0.287   -1.219  7.260   1.00 8.67   ? 71  LEU A N   1 
ATOM   547 C CA  . LEU A 1 74 ? 0.840   -1.362  5.937   1.00 8.55   ? 71  LEU A CA  1 
ATOM   548 C C   . LEU A 1 74 ? 1.662   -0.126  5.571   1.00 7.18   ? 71  LEU A C   1 
ATOM   549 O O   . LEU A 1 74 ? 2.775   -0.251  5.090   1.00 7.61   ? 71  LEU A O   1 
ATOM   550 C CB  . LEU A 1 74 ? -0.251  -1.644  4.897   1.00 8.77   ? 71  LEU A CB  1 
ATOM   551 C CG  . LEU A 1 74 ? 0.324   -1.679  3.471   1.00 8.26   ? 71  LEU A CG  1 
ATOM   552 C CD1 . LEU A 1 74 ? 1.293   -2.817  3.226   1.00 10.10  ? 71  LEU A CD1 1 
ATOM   553 C CD2 . LEU A 1 74 ? -0.809  -1.745  2.464   1.00 8.30   ? 71  LEU A CD2 1 
ATOM   554 N N   . ALA A 1 75 ? 1.093   1.056   5.781   1.00 6.85   ? 72  ALA A N   1 
ATOM   555 C CA  . ALA A 1 75 ? 1.826   2.280   5.434   1.00 6.69   ? 72  ALA A CA  1 
ATOM   556 C C   . ALA A 1 75 ? 3.179   2.327   6.131   1.00 8.35   ? 72  ALA A C   1 
ATOM   557 O O   . ALA A 1 75 ? 4.165   2.717   5.540   1.00 8.49   ? 72  ALA A O   1 
ATOM   558 C CB  . ALA A 1 75 ? 1.004   3.497   5.820   1.00 8.25   ? 72  ALA A CB  1 
ATOM   559 N N   . ARG A 1 76 ? 3.208   2.000   7.426   1.00 9.11   ? 73  ARG A N   1 
ATOM   560 C CA  . ARG A 1 76 ? 4.483   1.981   8.161   1.00 10.92  ? 73  ARG A CA  1 
ATOM   561 C C   . ARG A 1 76 ? 5.490   1.019   7.553   1.00 10.71  ? 73  ARG A C   1 
ATOM   562 O O   . ARG A 1 76 ? 6.656   1.356   7.398   1.00 11.63  ? 73  ARG A O   1 
ATOM   563 C CB  . ARG A 1 76 ? 4.258   1.664   9.652   1.00 11.79  ? 73  ARG A CB  1 
ATOM   564 C CG  . ARG A 1 76 ? 3.643   2.850   10.350  1.00 11.62  ? 73  ARG A CG  1 
ATOM   565 C CD  . ARG A 1 76 ? 3.324   2.640   11.831  1.00 14.94  ? 73  ARG A CD  1 
ATOM   566 N NE  . ARG A 1 76 ? 2.999   3.936   12.435  1.00 21.00  ? 73  ARG A NE  1 
ATOM   567 C CZ  . ARG A 1 76 ? 2.324   4.109   13.578  1.00 25.46  ? 73  ARG A CZ  1 
ATOM   568 N NH1 . ARG A 1 76 ? 1.835   3.068   14.269  1.00 24.80  ? 73  ARG A NH1 1 
ATOM   569 N NH2 . ARG A 1 76 ? 2.123   5.347   14.032  1.00 25.64  ? 73  ARG A NH2 1 
ATOM   570 N N   . ARG A 1 77 ? 5.017   -0.159  7.163   1.00 10.10  ? 74  ARG A N   1 
ATOM   571 C CA  . ARG A 1 77 ? 5.913   -1.167  6.575   1.00 11.10  ? 74  ARG A CA  1 
ATOM   572 C C   . ARG A 1 77 ? 6.502   -0.682  5.246   1.00 10.18  ? 74  ARG A C   1 
ATOM   573 O O   . ARG A 1 77 ? 7.713   -0.820  4.976   1.00 11.30  ? 74  ARG A O   1 
ATOM   574 C CB  . ARG A 1 77 ? 5.219   -2.511  6.392   1.00 11.53  ? 74  ARG A CB  1 
ATOM   575 C CG  . ARG A 1 77 ? 4.684   -3.199  7.669   1.00 15.46  ? 74  ARG A CG  1 
ATOM   576 C CD  . ARG A 1 77 ? 5.690   -3.204  8.839   1.00 23.34  ? 74  ARG A CD  1 
ATOM   577 N NE  . ARG A 1 77 ? 5.099   -3.661  10.107  1.00 28.88  ? 74  ARG A NE  1 
ATOM   578 C CZ  . ARG A 1 77 ? 4.167   -3.005  10.805  1.00 29.42  ? 74  ARG A CZ  1 
ATOM   579 N NH1 . ARG A 1 77 ? 3.675   -1.861  10.377  1.00 28.15  ? 74  ARG A NH1 1 
ATOM   580 N NH2 . ARG A 1 77 ? 3.715   -3.512  11.949  1.00 32.96  ? 74  ARG A NH2 1 
ATOM   581 N N   . LEU A 1 78 ? 5.656   -0.050  4.431   1.00 8.78   ? 75  LEU A N   1 
ATOM   582 C CA  . LEU A 1 78 ? 6.101   0.421   3.130   1.00 8.47   ? 75  LEU A CA  1 
ATOM   583 C C   . LEU A 1 78 ? 7.110   1.554   3.262   1.00 8.33   ? 75  LEU A C   1 
ATOM   584 O O   . LEU A 1 78 ? 8.090   1.592   2.553   1.00 9.19   ? 75  LEU A O   1 
ATOM   585 C CB  . LEU A 1 78 ? 4.919   0.905   2.277   1.00 7.80   ? 75  LEU A CB  1 
ATOM   586 C CG  . LEU A 1 78 ? 3.867   -0.157  1.916   1.00 7.07   ? 75  LEU A CG  1 
ATOM   587 C CD1 . LEU A 1 78 ? 2.733   0.516   1.139   1.00 7.53   ? 75  LEU A CD1 1 
ATOM   588 C CD2 . LEU A 1 78 ? 4.442   -1.329  1.077   1.00 7.98   ? 75  LEU A CD2 1 
ATOM   589 N N   . LEU A 1 79 ? 6.838   2.474   4.174   1.00 9.79   ? 76  LEU A N   1 
ATOM   590 C CA  . LEU A 1 79 ? 7.754   3.592   4.365   1.00 10.00  ? 76  LEU A CA  1 
ATOM   591 C C   . LEU A 1 79 ? 9.055   3.132   5.015   1.00 11.17  ? 76  LEU A C   1 
ATOM   592 O O   . LEU A 1 79 ? 10.120  3.700   4.718   1.00 12.16  ? 76  LEU A O   1 
ATOM   593 C CB  . LEU A 1 79 ? 7.095   4.696   5.204   1.00 10.97  ? 76  LEU A CB  1 
ATOM   594 C CG  . LEU A 1 79 ? 6.013   5.476   4.443   1.00 9.35   ? 76  LEU A CG  1 
ATOM   595 C CD1 . LEU A 1 79 ? 5.183   6.406   5.346   1.00 12.83  ? 76  LEU A CD1 1 
ATOM   596 C CD2 . LEU A 1 79 ? 6.598   6.263   3.280   1.00 10.39  ? 76  LEU A CD2 1 
ATOM   597 N N   . GLU A 1 80 ? 8.984   2.095   5.863   1.00 12.37  ? 77  GLU A N   1 
ATOM   598 C CA  . GLU A 1 80 ? 10.222  1.486   6.420   1.00 14.52  ? 77  GLU A CA  1 
ATOM   599 C C   . GLU A 1 80 ? 11.124  0.967   5.316   1.00 15.04  ? 77  GLU A C   1 
ATOM   600 O O   . GLU A 1 80 ? 12.346  1.236   5.313   1.00 15.95  ? 77  GLU A O   1 
ATOM   601 C CB  . GLU A 1 80 ? 9.913   0.343   7.375   1.00 15.20  ? 77  GLU A CB  1 
ATOM   602 C CG  . GLU A 1 80 ? 9.443   0.826   8.705   1.00 19.75  ? 77  GLU A CG  1 
ATOM   603 C CD  . GLU A 1 80 ? 8.880   -0.291  9.533   1.00 25.66  ? 77  GLU A CD  1 
ATOM   604 O OE1 . GLU A 1 80 ? 9.110   -1.485  9.174   1.00 27.25  ? 77  GLU A OE1 1 
ATOM   605 O OE2 . GLU A 1 80 ? 8.210   0.032   10.540  1.00 29.78  ? 77  GLU A OE2 1 
ATOM   606 N N   . LEU A 1 81 ? 10.532  0.280   4.342   1.00 14.38  ? 78  LEU A N   1 
ATOM   607 C CA  . LEU A 1 81 ? 11.310  -0.179  3.185   1.00 15.35  ? 78  LEU A CA  1 
ATOM   608 C C   . LEU A 1 81 ? 11.848  0.965   2.331   1.00 15.38  ? 78  LEU A C   1 
ATOM   609 O O   . LEU A 1 81 ? 13.009  0.956   1.949   1.00 15.61  ? 78  LEU A O   1 
ATOM   610 C CB  . LEU A 1 81 ? 10.506  -1.150  2.330   1.00 15.24  ? 78  LEU A CB  1 
ATOM   611 C CG  . LEU A 1 81 ? 11.229  -1.645  1.069   1.00 18.14  ? 78  LEU A CG  1 
ATOM   612 C CD1 . LEU A 1 81 ? 12.582  -2.267  1.380   1.00 21.41  ? 78  LEU A CD1 1 
ATOM   613 C CD2 . LEU A 1 81 ? 10.344  -2.596  0.298   1.00 18.74  ? 78  LEU A CD2 1 
ATOM   614 N N   . LYS A 1 82 ? 10.999  1.939   2.011   1.00 13.91  ? 79  LYS A N   1 
ATOM   615 C CA  . LYS A 1 82 ? 11.421  3.116   1.266   1.00 14.34  ? 79  LYS A CA  1 
ATOM   616 C C   . LYS A 1 82 ? 12.610  3.809   1.965   1.00 15.14  ? 79  LYS A C   1 
ATOM   617 O O   . LYS A 1 82 ? 13.603  4.190   1.320   1.00 15.22  ? 79  LYS A O   1 
ATOM   618 C CB  . LYS A 1 82 ? 10.237  4.087   1.101   1.00 13.67  ? 79  LYS A CB  1 
ATOM   619 C CG  . LYS A 1 82 ? 10.525  5.350   0.270   1.00 13.08  ? 79  LYS A CG  1 
ATOM   620 C CD  . LYS A 1 82 ? 9.494   6.401   0.618   1.00 12.81  ? 79  LYS A CD  1 
ATOM   621 C CE  . LYS A 1 82 ? 9.497   7.505   -0.399  1.00 13.08  ? 79  LYS A CE  1 
ATOM   622 N NZ  . LYS A 1 82 ? 8.612   8.597   0.079   1.00 12.60  ? 79  LYS A NZ  1 
ATOM   623 N N   . GLN A 1 83 ? 12.512  3.956   3.277   1.00 16.68  ? 80  GLN A N   1 
ATOM   624 C CA  . GLN A 1 83 ? 13.562  4.643   4.031   1.00 18.72  ? 80  GLN A CA  1 
ATOM   625 C C   . GLN A 1 83 ? 14.844  3.804   4.071   1.00 19.99  ? 80  GLN A C   1 
ATOM   626 O O   . GLN A 1 83 ? 15.953  4.342   3.916   1.00 20.18  ? 80  GLN A O   1 
ATOM   627 C CB  . GLN A 1 83 ? 13.063  4.992   5.437   1.00 19.11  ? 80  GLN A CB  1 
ATOM   628 C CG  . GLN A 1 83 ? 12.055  6.142   5.441   1.00 21.16  ? 80  GLN A CG  1 
ATOM   629 C CD  . GLN A 1 83 ? 11.093  6.111   6.633   1.00 23.19  ? 80  GLN A CD  1 
ATOM   630 O OE1 . GLN A 1 83 ? 11.307  5.388   7.617   1.00 27.90  ? 80  GLN A OE1 1 
ATOM   631 N NE2 . GLN A 1 83 ? 10.010  6.885   6.534   1.00 25.52  ? 80  GLN A NE2 1 
ATOM   632 N N   . ALA A 1 84 ? 14.686  2.496   4.247   1.00 21.68  ? 81  ALA A N   1 
ATOM   633 C CA  . ALA A 1 84 ? 15.827  1.579   4.300   1.00 23.50  ? 81  ALA A CA  1 
ATOM   634 C C   . ALA A 1 84 ? 16.626  1.594   2.997   1.00 25.47  ? 81  ALA A C   1 
ATOM   635 O O   . ALA A 1 84 ? 17.844  1.351   3.009   1.00 25.50  ? 81  ALA A O   1 
ATOM   636 C CB  . ALA A 1 84 ? 15.382  0.182   4.647   1.00 23.50  ? 81  ALA A CB  1 
ATOM   637 N N   . ALA A 1 85 ? 15.947  1.915   1.892   1.00 26.49  ? 82  ALA A N   1 
ATOM   638 C CA  . ALA A 1 85 ? 16.560  2.000   0.560   1.00 28.61  ? 82  ALA A CA  1 
ATOM   639 C C   . ALA A 1 85 ? 16.973  3.403   0.101   1.00 30.07  ? 82  ALA A C   1 
ATOM   640 O O   . ALA A 1 85 ? 17.577  3.548   -0.966  1.00 31.56  ? 82  ALA A O   1 
ATOM   641 C CB  . ALA A 1 85 ? 15.643  1.369   -0.471  1.00 28.50  ? 82  ALA A CB  1 
ATOM   642 N N   . SER A 1 86 ? 16.630  4.435   0.869   1.00 31.54  ? 83  SER A N   1 
ATOM   643 C CA  . SER A 1 86 ? 16.975  5.822   0.518   1.00 32.55  ? 83  SER A CA  1 
ATOM   644 C C   . SER A 1 86 ? 17.398  6.608   1.746   1.00 33.05  ? 83  SER A C   1 
ATOM   645 O O   . SER A 1 86 ? 16.605  6.822   2.656   1.00 33.84  ? 83  SER A O   1 
ATOM   646 C CB  . SER A 1 86 ? 15.807  6.533   -0.176  1.00 32.99  ? 83  SER A CB  1 
ATOM   647 O OG  . SER A 1 86 ? 16.019  7.943   -0.280  1.00 35.10  ? 83  SER A OG  1 
HETATM 648 C C1  . EDO B 2 .  ? 4.769   -6.458  5.597   1.00 65.22  ? 102 EDO A C1  1 
HETATM 649 O O1  . EDO B 2 .  ? 4.766   -6.146  4.199   1.00 65.58  ? 102 EDO A O1  1 
HETATM 650 C C2  . EDO B 2 .  ? 3.476   -7.173  5.963   1.00 65.23  ? 102 EDO A C2  1 
HETATM 651 O O2  . EDO B 2 .  ? 2.360   -6.333  5.641   1.00 65.53  ? 102 EDO A O2  1 
HETATM 652 C C1  . GOL C 3 .  ? 5.924   11.516  -10.443 1.00 37.95  ? 101 GOL A C1  1 
HETATM 653 O O1  . GOL C 3 .  ? 4.845   12.077  -9.736  1.00 35.46  ? 101 GOL A O1  1 
HETATM 654 C C2  . GOL C 3 .  ? 5.927   10.007  -10.290 1.00 39.11  ? 101 GOL A C2  1 
HETATM 655 O O2  . GOL C 3 .  ? 5.250   9.621   -9.114  1.00 38.71  ? 101 GOL A O2  1 
HETATM 656 C C3  . GOL C 3 .  ? 5.343   9.320   -11.518 1.00 39.65  ? 101 GOL A C3  1 
HETATM 657 O O3  . GOL C 3 .  ? 4.297   8.444   -11.164 1.00 41.20  ? 101 GOL A O3  1 
HETATM 658 O O   . HOH D 4 .  ? -1.876  0.712   13.114  1.00 10.69  ? 201 HOH A O   1 
HETATM 659 O O   . HOH D 4 .  ? -3.625  -5.922  -1.378  1.00 8.72   ? 202 HOH A O   1 
HETATM 660 O O   . HOH D 4 .  ? 2.474   3.364   -9.726  1.00 15.81  ? 203 HOH A O   1 
HETATM 661 O O   . HOH D 4 .  ? -6.522  -4.764  -9.438  1.00 9.76   ? 204 HOH A O   1 
HETATM 662 O O   . HOH D 4 .  ? -8.925  -3.173  -9.902  1.00 12.87  ? 205 HOH A O   1 
HETATM 663 O O   . HOH D 4 .  ? 1.328   -6.605  -6.537  1.00 20.43  ? 206 HOH A O   1 
HETATM 664 O O   . HOH D 4 .  ? 12.742  1.038   -7.502  1.00 15.66  ? 207 HOH A O   1 
HETATM 665 O O   . HOH D 4 .  ? -3.555  1.984   -10.826 1.00 9.97   ? 208 HOH A O   1 
HETATM 666 O O   . HOH D 4 .  ? 12.595  7.601   2.538   1.00 22.38  ? 209 HOH A O   1 
HETATM 667 O O   . HOH D 4 .  ? 0.902   0.889   13.044  1.00 14.76  ? 210 HOH A O   1 
HETATM 668 O O   . HOH D 4 .  ? 0.785   -3.171  -9.979  1.00 14.91  ? 211 HOH A O   1 
HETATM 669 O O   . HOH D 4 .  ? 12.975  -6.513  -6.116  1.00 18.58  ? 212 HOH A O   1 
HETATM 670 O O   . HOH D 4 .  ? 2.395   -1.316  -11.455 1.00 16.46  ? 213 HOH A O   1 
HETATM 671 O O   . HOH D 4 .  ? -8.847  2.536   -6.317  1.00 20.67  ? 214 HOH A O   1 
HETATM 672 O O   . HOH D 4 .  ? -3.642  11.310  2.605   1.00 18.68  ? 215 HOH A O   1 
HETATM 673 O O   . HOH D 4 .  ? 0.311   -7.105  13.373  1.00 22.33  ? 216 HOH A O   1 
HETATM 674 O O   . HOH D 4 .  ? 5.920   11.113  9.854   1.00 18.72  ? 217 HOH A O   1 
HETATM 675 O O   . HOH D 4 .  ? 2.565   9.120   10.837  1.00 20.21  ? 218 HOH A O   1 
HETATM 676 O O   . HOH D 4 .  ? 5.892   13.506  5.090   1.00 14.01  ? 219 HOH A O   1 
HETATM 677 O O   . HOH D 4 .  ? 8.945   -2.846  6.615   1.00 20.46  ? 220 HOH A O   1 
HETATM 678 O O   . HOH D 4 .  ? -1.938  -4.383  7.840   1.00 14.67  ? 221 HOH A O   1 
HETATM 679 O O   . HOH D 4 .  ? -5.290  -4.524  11.692  1.00 22.26  ? 222 HOH A O   1 
HETATM 680 O O   . HOH D 4 .  ? -1.417  -7.356  -6.879  1.00 17.42  ? 223 HOH A O   1 
HETATM 681 O O   . HOH D 4 .  ? -2.217  7.044   -5.934  1.00 19.51  ? 224 HOH A O   1 
HETATM 682 O O   . HOH D 4 .  ? -3.776  12.383  12.003  1.00 24.64  ? 225 HOH A O   1 
HETATM 683 O O   . HOH D 4 .  ? 0.442   13.710  9.662   1.00 25.87  ? 226 HOH A O   1 
HETATM 684 O O   . HOH D 4 .  ? 3.140   14.275  2.653   1.00 25.44  ? 227 HOH A O   1 
HETATM 685 O O   . HOH D 4 .  ? -10.458 0.606   2.400   1.00 19.21  ? 228 HOH A O   1 
HETATM 686 O O   . HOH D 4 .  ? -5.223  -7.081  -10.414 1.00 18.98  ? 229 HOH A O   1 
HETATM 687 O O   . HOH D 4 .  ? 1.825   -5.508  -9.240  1.00 24.51  ? 230 HOH A O   1 
HETATM 688 O O   . HOH D 4 .  ? -1.766  9.477   -4.536  1.00 22.69  ? 231 HOH A O   1 
HETATM 689 O O   . HOH D 4 .  ? -5.836  3.326   -10.164 1.00 27.94  ? 232 HOH A O   1 
HETATM 690 O O   . HOH D 4 .  ? -9.072  0.635   -7.914  1.00 25.47  ? 233 HOH A O   1 
HETATM 691 O O   . HOH D 4 .  ? 6.467   -6.828  -8.136  1.00 23.17  ? 234 HOH A O   1 
HETATM 692 O O   . HOH D 4 .  ? 7.763   13.403  0.317   1.00 24.77  ? 235 HOH A O   1 
HETATM 693 O O   . HOH D 4 .  ? -9.707  1.027   -10.819 1.00 21.08  ? 236 HOH A O   1 
HETATM 694 O O   . HOH D 4 .  ? 7.695   3.686   8.883   1.00 24.45  ? 237 HOH A O   1 
HETATM 695 O O   . HOH D 4 .  ? -11.234 3.360   9.896   1.00 21.49  ? 238 HOH A O   1 
HETATM 696 O O   . HOH D 4 .  ? 2.791   -10.343 -3.779  1.00 24.34  ? 239 HOH A O   1 
HETATM 697 O O   . HOH D 4 .  ? -2.448  12.861  0.863   1.00 26.37  ? 240 HOH A O   1 
HETATM 698 O O   . HOH D 4 .  ? 9.370   10.265  -1.964  1.00 25.29  ? 241 HOH A O   1 
HETATM 699 O O   . HOH D 4 .  ? -6.702  2.913   -7.653  1.00 24.11  ? 242 HOH A O   1 
HETATM 700 O O   . HOH D 4 .  ? -0.211  12.032  -0.305  1.00 26.35  ? 243 HOH A O   1 
HETATM 701 O O   . HOH D 4 .  ? 0.175   -9.560  -9.489  1.00 26.43  ? 244 HOH A O   1 
HETATM 702 O O   . HOH D 4 .  ? -8.951  7.440   4.035   1.00 26.31  ? 245 HOH A O   1 
HETATM 703 O O   . HOH D 4 .  ? 9.753   -9.721  0.696   1.00 22.72  ? 246 HOH A O   1 
HETATM 704 O O   . HOH D 4 .  ? 0.484   9.447   0.205   1.00 19.26  ? 247 HOH A O   1 
HETATM 705 O O   . HOH D 4 .  ? -8.035  -4.115  11.826  1.00 17.49  ? 248 HOH A O   1 
HETATM 706 O O   . HOH D 4 .  ? 1.224   13.939  0.293   1.00 30.25  ? 249 HOH A O   1 
HETATM 707 O O   . HOH D 4 .  ? 9.976   -4.069  -12.997 1.00 41.44  ? 250 HOH A O   1 
HETATM 708 O O   . HOH D 4 .  ? -4.504  -7.920  5.480   1.00 20.17  ? 251 HOH A O   1 
HETATM 709 O O   . HOH D 4 .  ? -1.291  10.901  -2.492  1.00 35.59  ? 252 HOH A O   1 
HETATM 710 O O   . HOH D 4 .  ? -12.264 -1.374  -8.801  1.00 28.79  ? 253 HOH A O   1 
HETATM 711 O O   . HOH D 4 .  ? -6.303  11.111  1.814   1.00 29.53  ? 254 HOH A O   1 
HETATM 712 O O   . HOH D 4 .  ? -2.686  -9.944  -11.681 1.00 25.60  ? 255 HOH A O   1 
HETATM 713 O O   . HOH D 4 .  ? 5.686   8.272   9.381   1.00 26.00  ? 256 HOH A O   1 
HETATM 714 O O   . HOH D 4 .  ? 4.462   -2.475  -12.672 1.00 31.33  ? 257 HOH A O   1 
HETATM 715 O O   . HOH D 4 .  ? -2.105  14.123  5.671   1.00 27.64  ? 258 HOH A O   1 
HETATM 716 O O   . HOH D 4 .  ? -5.645  -13.442 -7.177  1.00 26.81  ? 259 HOH A O   1 
HETATM 717 O O   . HOH D 4 .  ? 0.050   -11.445 -11.586 1.00 48.55  ? 260 HOH A O   1 
HETATM 718 O O   . HOH D 4 .  ? 13.686  4.991   -1.154  1.00 33.01  ? 261 HOH A O   1 
HETATM 719 O O   . HOH D 4 .  ? -2.036  -2.023  -12.782 1.00 26.65  ? 262 HOH A O   1 
HETATM 720 O O   . HOH D 4 .  ? 13.590  1.915   7.631   1.00 26.22  ? 263 HOH A O   1 
HETATM 721 O O   . HOH D 4 .  ? 1.961   -7.121  3.009   1.00 30.12  ? 264 HOH A O   1 
HETATM 722 O O   . HOH D 4 .  ? 6.289   -5.433  -10.756 1.00 38.45  ? 265 HOH A O   1 
HETATM 723 O O   . HOH D 4 .  ? -7.325  -12.578 -8.939  1.00 28.80  ? 266 HOH A O   1 
HETATM 724 O O   . HOH D 4 .  ? 9.152   -0.100  -14.375 1.00 30.04  ? 267 HOH A O   1 
HETATM 725 O O   . HOH D 4 .  ? 7.883   -9.034  -8.351  1.00 37.29  ? 268 HOH A O   1 
HETATM 726 O O   . HOH D 4 .  ? 6.270   -0.982  11.324  1.00 26.34  ? 269 HOH A O   1 
HETATM 727 O O   . HOH D 4 .  ? 10.670  13.645  0.805   1.00 26.78  ? 270 HOH A O   1 
HETATM 728 O O   . HOH D 4 .  ? -19.190 -2.779  -5.370  1.00 19.82  ? 271 HOH A O   1 
HETATM 729 O O   . HOH D 4 .  ? 1.552   -9.431  -6.057  1.00 27.55  ? 272 HOH A O   1 
HETATM 730 O O   . HOH D 4 .  ? 3.813   -8.957  -10.441 1.00 35.39  ? 273 HOH A O   1 
HETATM 731 O O   . HOH D 4 .  ? -2.148  13.910  10.195  1.00 24.69  ? 274 HOH A O   1 
HETATM 732 O O   . HOH D 4 .  ? 12.784  3.344   -6.548  1.00 28.26  ? 275 HOH A O   1 
HETATM 733 O O   . HOH D 4 .  ? 7.423   13.634  -2.195  1.00 31.68  ? 276 HOH A O   1 
HETATM 734 O O   . HOH D 4 .  ? -4.831  10.766  10.193  1.00 31.19  ? 277 HOH A O   1 
HETATM 735 O O   . HOH D 4 .  ? 5.260   0.151   13.795  1.00 27.39  ? 278 HOH A O   1 
HETATM 736 O O   . HOH D 4 .  ? -2.471  -13.988 -0.207  1.00 30.21  ? 279 HOH A O   1 
HETATM 737 O O   . HOH D 4 .  ? 11.592  1.316   -15.663 1.00 32.67  ? 280 HOH A O   1 
HETATM 738 O O   . HOH D 4 .  ? -4.471  10.583  7.706   1.00 28.57  ? 281 HOH A O   1 
HETATM 739 O O   . HOH D 4 .  ? 15.417  1.635   -13.089 1.00 44.17  ? 282 HOH A O   1 
HETATM 740 O O   . HOH D 4 .  ? 4.115   -8.510  -7.919  1.00 36.56  ? 283 HOH A O   1 
HETATM 741 O O   . HOH D 4 .  ? -7.234  10.106  -0.553  1.00 39.55  ? 284 HOH A O   1 
HETATM 742 O O   . HOH D 4 .  ? -2.321  6.367   -8.681  1.00 53.09  ? 285 HOH A O   1 
HETATM 743 O O   . HOH D 4 .  ? -11.515 5.550   8.900   1.00 32.55  ? 286 HOH A O   1 
HETATM 744 O O   . HOH D 4 .  ? -9.457  -5.212  7.306   1.00 30.89  ? 287 HOH A O   1 
HETATM 745 O O   . HOH D 4 .  ? -1.635  -15.187 -2.395  1.00 33.99  ? 288 HOH A O   1 
HETATM 746 O O   . HOH D 4 .  ? 0.927   -4.518  7.080   1.00 25.22  ? 289 HOH A O   1 
HETATM 747 O O   . HOH D 4 .  ? 2.065   -5.564  12.141  1.00 54.38  ? 290 HOH A O   1 
HETATM 748 O O   . HOH D 4 .  ? 20.059  1.366   4.755   1.00 64.33  ? 291 HOH A O   1 
HETATM 749 O O   . HOH D 4 .  ? 19.862  2.227   -7.407  1.00 39.60  ? 292 HOH A O   1 
HETATM 750 O O   . HOH D 4 .  ? 5.858   14.976  0.858   1.00 33.17  ? 293 HOH A O   1 
HETATM 751 O O   . HOH D 4 .  ? 9.699   -11.328 -3.322  1.00 37.15  ? 294 HOH A O   1 
HETATM 752 O O   . HOH D 4 .  ? 4.582   6.284   11.841  1.00 33.44  ? 295 HOH A O   1 
HETATM 753 O O   . HOH D 4 .  ? 5.296   -16.718 -5.757  1.00 42.99  ? 296 HOH A O   1 
HETATM 754 O O   . HOH D 4 .  ? 11.682  -9.169  -10.170 1.00 44.86  ? 297 HOH A O   1 
HETATM 755 O O   . HOH D 4 .  ? 20.004  1.899   1.147   1.00 45.05  ? 298 HOH A O   1 
HETATM 756 O O   . HOH D 4 .  ? 16.953  -6.366  -10.245 1.00 55.50  ? 299 HOH A O   1 
HETATM 757 O O   . HOH D 4 .  ? -6.898  -6.449  10.708  1.00 58.30  ? 300 HOH A O   1 
HETATM 758 O O   . HOH D 4 .  ? -1.450  -6.041  -13.975 1.00 34.50  ? 301 HOH A O   1 
HETATM 759 O O   . HOH D 4 .  ? 7.441   -1.286  1.540   1.00 56.37  ? 302 HOH A O   1 
HETATM 760 O O   . HOH D 4 .  ? 7.864   -0.785  -10.962 1.00 30.84  ? 303 HOH A O   1 
HETATM 761 O O   . HOH D 4 .  ? -9.601  7.811   8.031   1.00 37.35  ? 304 HOH A O   1 
HETATM 762 O O   . HOH D 4 .  ? 7.238   -4.168  5.638   1.00 56.34  ? 305 HOH A O   1 
HETATM 763 O O   . HOH D 4 .  ? 4.973   3.424   14.979  1.00 47.74  ? 306 HOH A O   1 
HETATM 764 O O   . HOH D 4 .  ? 0.088   -2.090  -11.902 1.00 52.88  ? 307 HOH A O   1 
HETATM 765 O O   . HOH D 4 .  ? 8.486   -8.812  2.916   1.00 39.42  ? 308 HOH A O   1 
HETATM 766 O O   . HOH D 4 .  ? -3.258  -14.534 -6.456  1.00 50.39  ? 309 HOH A O   1 
HETATM 767 O O   . HOH D 4 .  ? -12.561 6.114   -1.425  1.00 30.63  ? 310 HOH A O   1 
HETATM 768 O O   . HOH D 4 .  ? -0.824  -12.857 1.141   1.00 30.33  ? 311 HOH A O   1 
HETATM 769 O O   . HOH D 4 .  ? -0.339  -15.407 -7.476  1.00 44.35  ? 312 HOH A O   1 
HETATM 770 O O   . HOH D 4 .  ? -15.075 5.510   -2.252  1.00 25.26  ? 313 HOH A O   1 
HETATM 771 O O   . HOH D 4 .  ? 7.818   7.311   8.193   1.00 41.56  ? 314 HOH A O   1 
HETATM 772 O O   . HOH D 4 .  ? 4.496   9.415   -6.785  1.00 37.54  ? 315 HOH A O   1 
HETATM 773 O O   . HOH D 4 .  ? -7.120  0.156   2.689   1.00 277.92 ? 316 HOH A O   1 
HETATM 774 O O   . HOH D 4 .  ? 13.480  2.549   -14.059 1.00 41.87  ? 317 HOH A O   1 
HETATM 775 O O   . HOH D 4 .  ? 2.867   15.295  -1.974  1.00 35.08  ? 318 HOH A O   1 
HETATM 776 O O   . HOH D 4 .  ? -9.686  -14.057 -6.496  1.00 36.45  ? 319 HOH A O   1 
HETATM 777 O O   . HOH D 4 .  ? -9.490  -7.366  -1.751  1.00 82.24  ? 320 HOH A O   1 
HETATM 778 O O   . HOH D 4 .  ? -1.200  -9.976  5.077   1.00 41.42  ? 321 HOH A O   1 
HETATM 779 O O   . HOH D 4 .  ? 12.567  -8.817  -7.737  1.00 50.87  ? 322 HOH A O   1 
HETATM 780 O O   . HOH D 4 .  ? -13.466 2.995   8.663   1.00 41.64  ? 323 HOH A O   1 
HETATM 781 O O   . HOH D 4 .  ? 9.593   7.957   4.364   1.00 47.41  ? 324 HOH A O   1 
HETATM 782 O O   . HOH D 4 .  ? 12.827  -0.871  7.600   1.00 113.67 ? 325 HOH A O   1 
HETATM 783 O O   . HOH D 4 .  ? -1.995  -7.314  7.143   1.00 64.82  ? 326 HOH A O   1 
HETATM 784 O O   . HOH D 4 .  ? -6.231  -10.876 4.896   1.00 57.42  ? 327 HOH A O   1 
HETATM 785 O O   . HOH D 4 .  ? 9.425   4.222   -2.574  1.00 62.88  ? 328 HOH A O   1 
# 
